data_1C9L
#
_entry.id   1C9L
#
_cell.length_a   137.620
_cell.length_b   130.787
_cell.length_c   78.468
_cell.angle_alpha   90.00
_cell.angle_beta   115.47
_cell.angle_gamma   90.00
#
_symmetry.space_group_name_H-M   'C 1 2 1'
#
loop_
_entity.id
_entity.type
_entity.pdbx_description
1 polymer CLATHRIN
2 polymer 'B-ADAPTIN 3'
#
loop_
_entity_poly.entity_id
_entity_poly.type
_entity_poly.pdbx_seq_one_letter_code
_entity_poly.pdbx_strand_id
1 'polypeptide(L)'
;QILPIRFQEHLQLQNLGINPANIGFSTLTMESDKFICIREKVGEQAQVVIIDMNDPSNPIRRPISADSAIMNPASKVIAL
KAGKTLQIFNIEMKSKMKAHTMTDDVTFWKWISLNTVALVTDNAVYHWSMEGESQPVKMFDRHSSLAGCQIINYRTDAKQ
KWLLLTGISAQQNRVVGAMQLYSVDRKVSQPIEGHAASFAQFKMEGNAEESTLFCFAVRGQAGGKLHIIEVGTPPTGNQP
FPKKAVDVFFPPEAQNDFPVAMQISEKHDVVFLITKYGYIHLYDLETGTCIYMNRISGETIFVTAPHEATAGIIGVNRKG
QVLSVCVEEENIIPYITNVLQNPDLALRMAVRNNLAG
;
A,B
2 'polypeptide(L)' DTNLIEFE C,D
#
# COMPACT_ATOMS: atom_id res chain seq x y z
N GLN A 1 15.43 -10.81 17.08
CA GLN A 1 13.97 -10.92 17.33
C GLN A 1 13.31 -11.63 16.26
N ILE A 2 12.17 -11.23 15.87
CA ILE A 2 11.94 -12.07 14.77
C ILE A 2 12.29 -11.34 13.52
N LEU A 3 12.12 -12.10 12.44
CA LEU A 3 12.40 -11.64 11.09
C LEU A 3 11.20 -11.81 10.17
N PRO A 4 11.09 -10.77 9.35
CA PRO A 4 10.01 -10.67 8.34
C PRO A 4 10.09 -11.70 7.30
N ILE A 5 11.34 -11.88 7.05
CA ILE A 5 11.79 -12.67 5.92
C ILE A 5 12.33 -14.00 6.42
N ARG A 6 12.60 -14.92 5.50
CA ARG A 6 13.14 -16.22 5.84
C ARG A 6 14.26 -16.53 4.86
N PHE A 7 15.47 -16.61 5.37
CA PHE A 7 16.65 -16.87 4.56
C PHE A 7 17.06 -18.34 4.61
N GLN A 8 17.56 -18.88 3.49
CA GLN A 8 18.00 -20.27 3.47
C GLN A 8 18.93 -20.61 2.32
N GLU A 9 20.05 -21.24 2.67
CA GLU A 9 21.06 -21.66 1.69
C GLU A 9 20.73 -23.02 1.11
N HIS A 10 20.52 -23.08 -0.20
CA HIS A 10 20.19 -24.34 -0.88
C HIS A 10 21.39 -25.11 -1.39
N LEU A 11 22.44 -24.40 -1.79
CA LEU A 11 23.64 -25.05 -2.30
C LEU A 11 24.93 -24.25 -2.24
N GLN A 12 26.01 -24.97 -2.50
CA GLN A 12 27.36 -24.43 -2.54
C GLN A 12 27.97 -25.09 -3.78
N LEU A 13 27.73 -24.49 -4.94
CA LEU A 13 28.23 -24.98 -6.21
C LEU A 13 29.65 -25.53 -6.14
N GLN A 14 30.49 -24.95 -5.28
CA GLN A 14 31.85 -25.45 -5.18
C GLN A 14 31.91 -26.85 -4.58
N ASN A 15 30.95 -27.19 -3.73
CA ASN A 15 30.92 -28.53 -3.16
C ASN A 15 30.66 -29.50 -4.28
N LEU A 16 30.08 -29.00 -5.37
CA LEU A 16 29.80 -29.82 -6.55
C LEU A 16 30.99 -29.93 -7.47
N GLY A 17 32.03 -29.13 -7.23
CA GLY A 17 33.20 -29.22 -8.08
C GLY A 17 33.34 -28.08 -9.08
N ILE A 18 32.34 -27.21 -9.12
CA ILE A 18 32.38 -26.09 -10.04
C ILE A 18 33.48 -25.09 -9.70
N ASN A 19 34.28 -24.76 -10.70
CA ASN A 19 35.37 -23.81 -10.53
C ASN A 19 34.78 -22.43 -10.21
N PRO A 20 35.31 -21.78 -9.17
CA PRO A 20 34.83 -20.45 -8.78
C PRO A 20 34.78 -19.50 -9.97
N ALA A 21 35.80 -19.61 -10.82
CA ALA A 21 35.93 -18.77 -12.01
C ALA A 21 34.76 -18.84 -12.98
N ASN A 22 33.92 -19.85 -12.86
CA ASN A 22 32.78 -19.94 -13.77
C ASN A 22 31.50 -19.53 -13.10
N ILE A 23 31.61 -19.11 -11.83
CA ILE A 23 30.44 -18.65 -11.09
C ILE A 23 30.34 -17.15 -11.31
N GLY A 24 29.73 -16.78 -12.44
CA GLY A 24 29.59 -15.37 -12.77
C GLY A 24 28.47 -15.15 -13.76
N PHE A 25 28.22 -13.89 -14.08
CA PHE A 25 27.16 -13.52 -15.00
C PHE A 25 27.16 -14.13 -16.41
N SER A 26 28.34 -14.29 -16.99
CA SER A 26 28.44 -14.82 -18.35
C SER A 26 28.73 -16.30 -18.52
N THR A 27 28.74 -17.05 -17.42
CA THR A 27 29.03 -18.47 -17.53
C THR A 27 28.03 -19.31 -16.75
N LEU A 28 27.42 -18.69 -15.73
CA LEU A 28 26.44 -19.38 -14.90
C LEU A 28 25.07 -18.75 -15.12
N THR A 29 24.10 -19.55 -15.53
CA THR A 29 22.77 -19.03 -15.75
C THR A 29 21.71 -19.76 -14.90
N MET A 30 20.69 -19.02 -14.49
CA MET A 30 19.61 -19.58 -13.71
C MET A 30 18.32 -18.96 -14.22
N GLU A 31 17.82 -19.49 -15.33
CA GLU A 31 16.60 -18.96 -15.95
C GLU A 31 15.37 -19.21 -15.11
N SER A 32 15.53 -20.00 -14.05
CA SER A 32 14.43 -20.35 -13.13
C SER A 32 15.05 -21.13 -11.96
N ASP A 33 14.24 -21.52 -10.98
CA ASP A 33 14.81 -22.25 -9.84
C ASP A 33 14.96 -23.76 -10.06
N LYS A 34 14.61 -24.24 -11.25
CA LYS A 34 14.71 -25.66 -11.54
C LYS A 34 16.09 -26.10 -11.97
N PHE A 35 16.83 -25.21 -12.63
CA PHE A 35 18.17 -25.55 -13.08
C PHE A 35 19.18 -24.42 -12.95
N ILE A 36 20.45 -24.76 -13.05
CA ILE A 36 21.53 -23.79 -13.02
C ILE A 36 22.50 -24.38 -14.05
N CYS A 37 22.85 -23.59 -15.07
CA CYS A 37 23.77 -24.03 -16.10
C CYS A 37 25.07 -23.29 -15.94
N ILE A 38 26.17 -24.04 -15.90
CA ILE A 38 27.47 -23.44 -15.78
C ILE A 38 28.30 -23.96 -16.93
N ARG A 39 28.89 -23.05 -17.69
CA ARG A 39 29.73 -23.45 -18.81
C ARG A 39 31.15 -23.43 -18.29
N GLU A 40 31.80 -24.57 -18.34
CA GLU A 40 33.17 -24.65 -17.89
C GLU A 40 34.00 -25.10 -19.08
N LYS A 41 35.29 -24.86 -19.00
CA LYS A 41 36.20 -25.25 -20.06
C LYS A 41 37.21 -26.19 -19.42
N VAL A 42 36.80 -27.43 -19.17
CA VAL A 42 37.65 -28.44 -18.57
C VAL A 42 38.60 -29.01 -19.61
N GLY A 43 39.86 -28.58 -19.56
CA GLY A 43 40.83 -29.04 -20.53
C GLY A 43 40.64 -28.19 -21.78
N GLU A 44 40.97 -28.74 -22.94
CA GLU A 44 40.80 -28.00 -24.18
C GLU A 44 39.32 -28.13 -24.57
N GLN A 45 38.59 -28.88 -23.75
CA GLN A 45 37.18 -29.15 -24.00
C GLN A 45 36.18 -28.29 -23.21
N ALA A 46 35.33 -27.57 -23.93
CA ALA A 46 34.31 -26.73 -23.33
C ALA A 46 33.06 -27.58 -23.13
N GLN A 47 32.44 -27.46 -21.97
CA GLN A 47 31.24 -28.25 -21.69
C GLN A 47 30.27 -27.49 -20.80
N VAL A 48 29.04 -28.01 -20.70
CA VAL A 48 28.02 -27.41 -19.85
C VAL A 48 27.71 -28.33 -18.69
N VAL A 49 27.59 -27.74 -17.51
CA VAL A 49 27.23 -28.53 -16.33
C VAL A 49 25.81 -28.14 -15.99
N ILE A 50 24.89 -29.07 -16.15
CA ILE A 50 23.48 -28.82 -15.86
C ILE A 50 23.11 -29.36 -14.49
N ILE A 51 22.80 -28.46 -13.56
CA ILE A 51 22.44 -28.85 -12.21
C ILE A 51 20.93 -28.88 -12.05
N ASP A 52 20.38 -30.05 -11.78
CA ASP A 52 18.97 -30.22 -11.54
C ASP A 52 18.75 -29.87 -10.08
N MET A 53 18.04 -28.78 -9.82
CA MET A 53 17.81 -28.35 -8.44
C MET A 53 17.11 -29.41 -7.55
N ASN A 54 16.45 -30.41 -8.13
CA ASN A 54 15.74 -31.40 -7.31
C ASN A 54 16.55 -32.67 -7.06
N ASP A 55 17.74 -32.56 -7.59
CA ASP A 55 18.78 -33.55 -7.55
C ASP A 55 20.09 -32.83 -7.72
N PRO A 56 20.53 -32.07 -6.70
CA PRO A 56 21.90 -31.40 -6.78
C PRO A 56 23.18 -32.20 -6.82
N SER A 57 23.17 -33.34 -6.19
CA SER A 57 24.37 -34.17 -6.09
C SER A 57 24.67 -34.96 -7.34
N ASN A 58 23.92 -34.70 -8.41
CA ASN A 58 24.13 -35.44 -9.65
C ASN A 58 24.18 -34.51 -10.85
N PRO A 59 25.14 -33.62 -10.94
CA PRO A 59 25.20 -32.71 -12.08
C PRO A 59 25.60 -33.50 -13.32
N ILE A 60 25.03 -33.16 -14.47
CA ILE A 60 25.40 -33.86 -15.70
C ILE A 60 26.22 -32.98 -16.64
N ARG A 61 27.41 -33.44 -16.98
CA ARG A 61 28.29 -32.69 -17.88
C ARG A 61 28.17 -33.16 -19.35
N ARG A 62 28.12 -32.21 -20.27
CA ARG A 62 28.02 -32.51 -21.70
C ARG A 62 28.94 -31.58 -22.47
N PRO A 63 29.59 -32.08 -23.54
CA PRO A 63 30.47 -31.22 -24.33
C PRO A 63 29.66 -30.26 -25.17
N ILE A 64 30.01 -28.97 -25.13
CA ILE A 64 29.32 -27.98 -25.94
C ILE A 64 30.35 -27.10 -26.62
N SER A 65 29.87 -26.22 -27.48
CA SER A 65 30.75 -25.31 -28.20
C SER A 65 29.92 -24.06 -28.45
N ALA A 66 29.10 -23.72 -27.47
CA ALA A 66 28.27 -22.54 -27.55
C ALA A 66 28.89 -21.49 -26.64
N ASP A 67 28.72 -20.22 -26.99
CA ASP A 67 29.25 -19.14 -26.16
C ASP A 67 28.23 -18.76 -25.08
N SER A 68 27.11 -19.49 -25.04
CA SER A 68 26.07 -19.19 -24.09
C SER A 68 25.03 -20.30 -24.05
N ALA A 69 24.64 -20.69 -22.83
CA ALA A 69 23.63 -21.74 -22.65
C ALA A 69 22.57 -21.31 -21.64
N ILE A 70 21.31 -21.28 -22.07
CA ILE A 70 20.24 -20.90 -21.17
C ILE A 70 19.06 -21.85 -21.18
N MET A 71 18.93 -22.57 -20.07
CA MET A 71 17.87 -23.57 -19.85
C MET A 71 16.46 -23.02 -19.79
N ASN A 72 15.52 -23.81 -20.29
CA ASN A 72 14.12 -23.43 -20.26
C ASN A 72 13.71 -23.39 -18.78
N PRO A 73 12.74 -22.54 -18.44
CA PRO A 73 12.34 -22.49 -17.04
C PRO A 73 11.71 -23.78 -16.52
N ALA A 74 10.98 -24.48 -17.37
CA ALA A 74 10.28 -25.67 -16.94
C ALA A 74 10.81 -27.04 -17.36
N SER A 75 11.30 -27.16 -18.58
CA SER A 75 11.77 -28.46 -19.04
C SER A 75 13.21 -28.50 -19.46
N LYS A 76 13.75 -29.72 -19.54
CA LYS A 76 15.13 -29.94 -19.94
C LYS A 76 15.32 -29.65 -21.44
N VAL A 77 15.02 -28.41 -21.81
CA VAL A 77 15.15 -27.91 -23.16
C VAL A 77 16.19 -26.79 -23.08
N ILE A 78 17.26 -26.88 -23.86
CA ILE A 78 18.29 -25.86 -23.75
C ILE A 78 18.53 -25.05 -25.03
N ALA A 79 18.75 -23.75 -24.85
CA ALA A 79 19.02 -22.87 -25.98
C ALA A 79 20.51 -22.56 -26.03
N LEU A 80 21.19 -23.06 -27.06
CA LEU A 80 22.63 -22.85 -27.21
C LEU A 80 22.93 -21.96 -28.42
N LYS A 81 23.90 -21.06 -28.25
CA LYS A 81 24.26 -20.20 -29.36
C LYS A 81 25.75 -20.07 -29.55
N ALA A 82 26.12 -19.79 -30.79
CA ALA A 82 27.51 -19.61 -31.19
C ALA A 82 27.44 -18.54 -32.28
N GLY A 83 27.80 -17.33 -31.92
CA GLY A 83 27.74 -16.24 -32.88
C GLY A 83 26.30 -16.03 -33.30
N LYS A 84 26.05 -16.09 -34.60
CA LYS A 84 24.71 -15.89 -35.14
C LYS A 84 23.97 -17.21 -35.23
N THR A 85 24.63 -18.29 -34.85
CA THR A 85 24.01 -19.61 -34.88
C THR A 85 23.29 -19.93 -33.58
N LEU A 86 21.98 -20.15 -33.68
CA LEU A 86 21.16 -20.47 -32.51
C LEU A 86 20.50 -21.84 -32.66
N GLN A 87 20.67 -22.71 -31.67
CA GLN A 87 20.06 -24.04 -31.71
C GLN A 87 19.39 -24.38 -30.38
N ILE A 88 18.26 -25.08 -30.46
CA ILE A 88 17.54 -25.50 -29.27
C ILE A 88 17.42 -27.02 -29.22
N PHE A 89 17.84 -27.62 -28.11
CA PHE A 89 17.76 -29.07 -27.94
C PHE A 89 16.89 -29.51 -26.78
N ASN A 90 16.34 -30.68 -26.90
CA ASN A 90 15.59 -31.33 -25.86
C ASN A 90 16.53 -32.37 -25.27
N ILE A 91 17.32 -31.95 -24.29
CA ILE A 91 18.34 -32.85 -23.72
C ILE A 91 17.93 -34.31 -23.53
N GLU A 92 16.76 -34.54 -22.96
CA GLU A 92 16.29 -35.91 -22.70
C GLU A 92 16.13 -36.70 -24.00
N MET A 93 15.40 -36.20 -25.01
CA MET A 93 15.30 -36.99 -26.24
C MET A 93 16.38 -36.70 -27.28
N LYS A 94 17.46 -36.07 -26.87
CA LYS A 94 18.65 -35.87 -27.70
C LYS A 94 18.47 -35.36 -29.13
N SER A 95 17.62 -34.36 -29.31
CA SER A 95 17.39 -33.84 -30.64
C SER A 95 17.42 -32.32 -30.69
N LYS A 96 17.57 -31.87 -31.88
CA LYS A 96 17.54 -30.48 -32.17
C LYS A 96 16.13 -30.15 -32.51
N MET A 97 15.47 -29.35 -31.69
CA MET A 97 14.09 -28.99 -31.96
C MET A 97 14.00 -27.93 -33.03
N LYS A 98 14.67 -26.80 -32.82
CA LYS A 98 14.63 -25.71 -33.77
C LYS A 98 16.04 -25.15 -33.97
N ALA A 99 16.18 -24.34 -35.01
CA ALA A 99 17.47 -23.71 -35.31
C ALA A 99 17.22 -22.49 -36.16
N HIS A 100 18.01 -21.46 -35.93
CA HIS A 100 17.91 -20.21 -36.66
C HIS A 100 19.29 -19.60 -36.73
N THR A 101 19.55 -18.89 -37.81
CA THR A 101 20.81 -18.19 -37.99
C THR A 101 20.50 -16.70 -38.09
N MET A 102 20.80 -15.99 -37.01
CA MET A 102 20.57 -14.55 -36.92
C MET A 102 21.51 -13.81 -37.88
N THR A 103 21.13 -12.59 -38.25
CA THR A 103 21.94 -11.77 -39.15
C THR A 103 22.88 -10.84 -38.35
N ASP A 104 22.74 -10.89 -37.03
CA ASP A 104 23.55 -10.10 -36.13
C ASP A 104 23.90 -10.99 -34.92
N ASP A 105 24.97 -10.65 -34.21
CA ASP A 105 25.30 -11.42 -33.01
C ASP A 105 24.29 -11.11 -31.91
N VAL A 106 24.06 -12.07 -31.03
CA VAL A 106 23.13 -11.87 -29.92
C VAL A 106 23.94 -11.53 -28.69
N THR A 107 23.77 -10.31 -28.18
CA THR A 107 24.52 -9.83 -27.03
C THR A 107 23.93 -10.32 -25.70
N PHE A 108 22.64 -10.58 -25.70
CA PHE A 108 21.99 -11.01 -24.48
C PHE A 108 20.66 -11.65 -24.83
N TRP A 109 20.33 -12.77 -24.21
CA TRP A 109 19.07 -13.44 -24.47
C TRP A 109 18.65 -14.22 -23.24
N LYS A 110 17.34 -14.36 -23.05
CA LYS A 110 16.84 -15.09 -21.89
C LYS A 110 15.41 -15.49 -22.13
N TRP A 111 15.00 -16.59 -21.52
CA TRP A 111 13.63 -17.03 -21.65
C TRP A 111 12.74 -16.03 -20.92
N ILE A 112 11.61 -15.69 -21.51
CA ILE A 112 10.70 -14.73 -20.89
C ILE A 112 9.35 -15.36 -20.64
N SER A 113 9.25 -16.64 -20.96
CA SER A 113 8.03 -17.41 -20.77
C SER A 113 8.39 -18.89 -20.89
N LEU A 114 7.43 -19.78 -20.68
CA LEU A 114 7.67 -21.21 -20.78
C LEU A 114 8.11 -21.57 -22.20
N ASN A 115 7.60 -20.83 -23.17
CA ASN A 115 7.94 -21.13 -24.56
C ASN A 115 8.47 -20.01 -25.45
N THR A 116 9.06 -18.97 -24.87
CA THR A 116 9.58 -17.90 -25.70
C THR A 116 10.94 -17.41 -25.25
N VAL A 117 11.84 -17.24 -26.22
CA VAL A 117 13.19 -16.78 -25.95
C VAL A 117 13.35 -15.39 -26.53
N ALA A 118 13.86 -14.47 -25.71
CA ALA A 118 14.09 -13.09 -26.13
C ALA A 118 15.55 -12.98 -26.60
N LEU A 119 15.74 -12.32 -27.73
CA LEU A 119 17.06 -12.15 -28.32
C LEU A 119 17.42 -10.67 -28.41
N VAL A 120 18.56 -10.29 -27.85
CA VAL A 120 18.98 -8.89 -27.90
C VAL A 120 20.24 -8.77 -28.75
N THR A 121 20.12 -7.87 -29.71
CA THR A 121 21.16 -7.56 -30.68
C THR A 121 21.62 -6.13 -30.44
N ASP A 122 22.80 -5.80 -30.92
CA ASP A 122 23.32 -4.45 -30.73
C ASP A 122 22.35 -3.35 -31.13
N ASN A 123 21.34 -3.66 -31.95
CA ASN A 123 20.39 -2.62 -32.36
C ASN A 123 18.91 -2.96 -32.35
N ALA A 124 18.55 -4.18 -31.96
CA ALA A 124 17.14 -4.55 -31.89
C ALA A 124 16.87 -5.71 -30.94
N VAL A 125 15.61 -5.86 -30.56
CA VAL A 125 15.19 -6.93 -29.65
C VAL A 125 14.17 -7.81 -30.38
N TYR A 126 14.36 -9.11 -30.28
CA TYR A 126 13.47 -10.09 -30.92
C TYR A 126 12.89 -11.11 -29.94
N HIS A 127 11.72 -11.63 -30.29
CA HIS A 127 11.08 -12.65 -29.49
C HIS A 127 10.97 -13.85 -30.40
N TRP A 128 11.36 -15.01 -29.89
CA TRP A 128 11.30 -16.22 -30.69
C TRP A 128 10.61 -17.36 -29.93
N SER A 129 9.41 -17.70 -30.41
CA SER A 129 8.59 -18.77 -29.85
C SER A 129 9.11 -20.14 -30.23
N MET A 130 8.74 -21.14 -29.45
CA MET A 130 9.17 -22.50 -29.79
C MET A 130 8.01 -23.22 -30.38
N GLU A 131 6.87 -22.52 -30.34
CA GLU A 131 5.52 -23.01 -30.60
C GLU A 131 5.31 -23.25 -32.10
N GLY A 132 5.73 -24.41 -32.49
CA GLY A 132 5.41 -24.86 -33.84
C GLY A 132 6.45 -24.52 -34.89
N GLU A 133 6.03 -23.94 -35.98
CA GLU A 133 6.91 -23.65 -37.09
C GLU A 133 7.28 -22.14 -37.14
N SER A 134 8.27 -21.65 -36.31
CA SER A 134 8.48 -20.18 -36.25
C SER A 134 9.89 -19.62 -36.36
N GLN A 135 9.95 -18.30 -36.43
CA GLN A 135 11.24 -17.69 -36.47
C GLN A 135 11.20 -16.40 -35.67
N PRO A 136 12.39 -15.91 -35.36
CA PRO A 136 12.45 -14.63 -34.63
C PRO A 136 11.55 -13.52 -35.16
N VAL A 137 11.03 -12.67 -34.26
CA VAL A 137 10.21 -11.54 -34.68
C VAL A 137 10.81 -10.31 -33.99
N LYS A 138 10.99 -9.24 -34.75
CA LYS A 138 11.56 -8.03 -34.18
C LYS A 138 10.47 -7.35 -33.37
N MET A 139 10.77 -7.06 -32.12
CA MET A 139 9.79 -6.42 -31.27
C MET A 139 9.95 -4.91 -31.31
N PHE A 140 11.18 -4.45 -31.41
CA PHE A 140 11.44 -3.01 -31.46
C PHE A 140 12.92 -2.71 -31.68
N ASP A 141 13.21 -1.51 -32.18
CA ASP A 141 14.60 -1.10 -32.42
C ASP A 141 15.15 -0.47 -31.16
N ARG A 142 16.33 -0.91 -30.72
CA ARG A 142 16.94 -0.34 -29.52
C ARG A 142 17.06 1.17 -29.53
N HIS A 143 16.94 1.76 -28.35
CA HIS A 143 17.04 3.21 -28.23
C HIS A 143 18.51 3.61 -28.10
N SER A 144 18.85 4.76 -28.68
CA SER A 144 20.22 5.25 -28.64
C SER A 144 20.78 5.41 -27.23
N SER A 145 19.91 5.65 -26.27
CA SER A 145 20.32 5.83 -24.88
C SER A 145 21.00 4.62 -24.24
N LEU A 146 20.94 3.46 -24.90
CA LEU A 146 21.57 2.24 -24.38
C LEU A 146 22.74 1.83 -25.26
N ALA A 147 23.03 2.66 -26.26
CA ALA A 147 24.14 2.37 -27.15
C ALA A 147 25.42 2.32 -26.34
N GLY A 148 26.08 1.19 -26.32
CA GLY A 148 27.31 1.13 -25.57
C GLY A 148 27.21 0.46 -24.24
N CYS A 149 26.00 0.40 -23.64
CA CYS A 149 25.80 -0.24 -22.34
C CYS A 149 26.08 -1.74 -22.41
N GLN A 150 26.18 -2.37 -21.26
CA GLN A 150 26.34 -3.82 -21.21
C GLN A 150 24.93 -4.30 -20.92
N ILE A 151 24.33 -5.08 -21.80
CA ILE A 151 22.98 -5.54 -21.53
C ILE A 151 22.97 -6.56 -20.39
N ILE A 152 22.18 -6.28 -19.36
CA ILE A 152 22.14 -7.14 -18.19
C ILE A 152 20.78 -7.73 -17.92
N ASN A 153 19.73 -7.22 -18.57
CA ASN A 153 18.42 -7.79 -18.34
C ASN A 153 17.33 -7.32 -19.30
N TYR A 154 16.38 -8.23 -19.54
CA TYR A 154 15.23 -7.98 -20.38
C TYR A 154 14.02 -8.61 -19.66
N ARG A 155 12.96 -7.83 -19.47
CA ARG A 155 11.77 -8.34 -18.80
C ARG A 155 10.54 -7.97 -19.59
N THR A 156 9.43 -8.58 -19.19
CA THR A 156 8.15 -8.39 -19.84
C THR A 156 7.00 -8.43 -18.83
N ASP A 157 5.88 -7.80 -19.18
CA ASP A 157 4.74 -7.83 -18.29
C ASP A 157 4.03 -9.13 -18.65
N ALA A 158 3.04 -9.52 -17.86
CA ALA A 158 2.31 -10.77 -18.11
C ALA A 158 1.89 -10.97 -19.58
N LYS A 159 1.15 -10.02 -20.13
CA LYS A 159 0.68 -10.13 -21.50
C LYS A 159 1.72 -9.77 -22.60
N GLN A 160 2.96 -9.61 -22.20
CA GLN A 160 4.01 -9.28 -23.16
C GLN A 160 3.71 -8.02 -23.99
N LYS A 161 2.95 -7.11 -23.39
CA LYS A 161 2.61 -5.85 -24.06
C LYS A 161 3.51 -4.71 -23.64
N TRP A 162 4.42 -4.99 -22.71
CA TRP A 162 5.37 -4.00 -22.22
C TRP A 162 6.69 -4.70 -22.05
N LEU A 163 7.71 -4.19 -22.76
CA LEU A 163 9.03 -4.79 -22.73
C LEU A 163 10.02 -3.86 -22.03
N LEU A 164 10.98 -4.42 -21.31
CA LEU A 164 11.97 -3.62 -20.59
C LEU A 164 13.38 -4.14 -20.78
N LEU A 165 14.16 -3.39 -21.57
CA LEU A 165 15.54 -3.74 -21.81
C LEU A 165 16.34 -2.88 -20.86
N THR A 166 17.36 -3.45 -20.25
CA THR A 166 18.17 -2.71 -19.31
C THR A 166 19.65 -2.92 -19.53
N GLY A 167 20.38 -1.82 -19.47
CA GLY A 167 21.82 -1.87 -19.64
C GLY A 167 22.48 -0.93 -18.64
N ILE A 168 23.73 -1.20 -18.32
CA ILE A 168 24.47 -0.37 -17.39
C ILE A 168 25.79 0.02 -18.02
N SER A 169 26.39 1.10 -17.52
CA SER A 169 27.68 1.54 -18.05
C SER A 169 28.36 2.44 -17.02
N ALA A 170 29.67 2.60 -17.15
CA ALA A 170 30.40 3.46 -16.24
C ALA A 170 30.34 4.88 -16.83
N GLN A 171 29.81 5.79 -16.04
CA GLN A 171 29.65 7.18 -16.41
C GLN A 171 29.86 8.01 -15.19
N GLN A 172 30.46 9.16 -15.38
CA GLN A 172 30.68 10.03 -14.25
C GLN A 172 31.13 9.22 -13.02
N ASN A 173 31.89 8.12 -13.16
CA ASN A 173 32.48 7.36 -12.08
C ASN A 173 31.41 6.62 -11.30
N ARG A 174 30.19 6.38 -11.70
CA ARG A 174 29.23 5.61 -10.92
C ARG A 174 28.51 4.74 -11.94
N VAL A 175 28.17 3.52 -11.58
CA VAL A 175 27.46 2.63 -12.49
C VAL A 175 26.12 3.29 -12.79
N VAL A 176 25.94 3.74 -14.03
CA VAL A 176 24.68 4.38 -14.39
C VAL A 176 23.86 3.30 -15.08
N GLY A 177 22.55 3.36 -14.88
CA GLY A 177 21.65 2.38 -15.48
C GLY A 177 20.79 3.02 -16.55
N ALA A 178 20.67 2.33 -17.69
CA ALA A 178 19.86 2.81 -18.81
C ALA A 178 18.80 1.81 -19.20
N MET A 179 17.54 2.22 -19.13
CA MET A 179 16.45 1.33 -19.50
C MET A 179 15.60 1.84 -20.68
N GLN A 180 15.07 0.91 -21.45
CA GLN A 180 14.19 1.23 -22.55
C GLN A 180 12.88 0.52 -22.25
N LEU A 181 11.78 1.27 -22.18
CA LEU A 181 10.48 0.70 -21.91
C LEU A 181 9.67 0.86 -23.18
N TYR A 182 9.46 -0.26 -23.87
CA TYR A 182 8.73 -0.25 -25.13
C TYR A 182 7.29 -0.71 -25.01
N SER A 183 6.39 0.03 -25.64
CA SER A 183 4.98 -0.31 -25.63
C SER A 183 4.58 -0.95 -26.96
N VAL A 184 4.35 -2.26 -26.91
CA VAL A 184 3.95 -3.02 -28.06
C VAL A 184 2.70 -2.46 -28.74
N ASP A 185 1.77 -1.93 -27.97
CA ASP A 185 0.53 -1.42 -28.56
C ASP A 185 0.62 -0.03 -29.17
N ARG A 186 1.36 0.88 -28.54
CA ARG A 186 1.47 2.22 -29.09
C ARG A 186 2.76 2.47 -29.86
N LYS A 187 3.47 1.39 -30.19
CA LYS A 187 4.73 1.45 -30.94
C LYS A 187 5.58 2.66 -30.55
N VAL A 188 5.82 2.83 -29.26
CA VAL A 188 6.62 3.92 -28.75
C VAL A 188 7.50 3.40 -27.64
N SER A 189 8.65 4.02 -27.43
CA SER A 189 9.51 3.55 -26.35
C SER A 189 10.09 4.73 -25.58
N GLN A 190 10.09 4.62 -24.25
CA GLN A 190 10.57 5.67 -23.32
C GLN A 190 11.89 5.38 -22.63
N PRO A 191 12.82 6.37 -22.61
CA PRO A 191 14.10 6.14 -21.93
C PRO A 191 13.91 6.38 -20.44
N ILE A 192 14.61 5.61 -19.61
CA ILE A 192 14.48 5.71 -18.17
C ILE A 192 15.77 5.35 -17.47
N GLU A 193 16.16 6.12 -16.46
CA GLU A 193 17.36 5.78 -15.71
C GLU A 193 16.95 4.77 -14.64
N GLY A 194 17.55 3.59 -14.69
CA GLY A 194 17.22 2.56 -13.74
C GLY A 194 18.20 1.40 -13.77
N HIS A 195 18.30 0.70 -12.64
CA HIS A 195 19.20 -0.43 -12.53
C HIS A 195 18.48 -1.76 -12.54
N ALA A 196 17.40 -1.86 -11.79
CA ALA A 196 16.66 -3.11 -11.72
C ALA A 196 15.18 -2.81 -11.66
N ALA A 197 14.37 -3.76 -12.12
CA ALA A 197 12.93 -3.59 -12.15
C ALA A 197 12.20 -4.91 -12.43
N SER A 198 10.88 -4.83 -12.50
CA SER A 198 10.04 -5.99 -12.77
C SER A 198 8.62 -5.50 -12.95
N PHE A 199 7.78 -6.33 -13.57
CA PHE A 199 6.39 -5.97 -13.77
C PHE A 199 5.61 -6.83 -12.80
N ALA A 200 4.32 -6.55 -12.65
CA ALA A 200 3.49 -7.34 -11.75
C ALA A 200 2.03 -6.99 -11.93
N GLN A 201 1.17 -7.99 -11.76
CA GLN A 201 -0.27 -7.77 -11.87
C GLN A 201 -0.77 -7.45 -10.47
N PHE A 202 -1.68 -6.50 -10.36
CA PHE A 202 -2.17 -6.13 -9.05
C PHE A 202 -3.63 -5.71 -9.11
N LYS A 203 -4.42 -6.34 -8.25
CA LYS A 203 -5.85 -6.10 -8.17
C LYS A 203 -6.26 -5.03 -7.14
N MET A 204 -6.22 -3.77 -7.56
CA MET A 204 -6.62 -2.66 -6.70
C MET A 204 -8.06 -2.81 -6.21
N GLU A 205 -8.25 -2.73 -4.89
CA GLU A 205 -9.60 -2.82 -4.32
C GLU A 205 -10.51 -1.85 -5.06
N GLY A 206 -11.69 -2.32 -5.45
CA GLY A 206 -12.62 -1.46 -6.15
C GLY A 206 -12.41 -1.45 -7.65
N ASN A 207 -11.54 -2.33 -8.13
CA ASN A 207 -11.25 -2.46 -9.56
C ASN A 207 -11.69 -3.85 -9.95
N ALA A 208 -12.29 -4.00 -11.13
CA ALA A 208 -12.76 -5.30 -11.58
C ALA A 208 -11.68 -6.02 -12.39
N GLU A 209 -10.72 -5.25 -12.91
CA GLU A 209 -9.63 -5.84 -13.69
C GLU A 209 -8.32 -5.60 -12.99
N GLU A 210 -7.36 -6.50 -13.21
CA GLU A 210 -6.04 -6.33 -12.61
C GLU A 210 -5.41 -5.09 -13.24
N SER A 211 -4.25 -4.69 -12.72
CA SER A 211 -3.54 -3.54 -13.24
C SER A 211 -2.12 -4.01 -13.52
N THR A 212 -1.52 -3.48 -14.58
CA THR A 212 -0.17 -3.90 -14.88
C THR A 212 0.76 -2.84 -14.32
N LEU A 213 1.58 -3.27 -13.37
CA LEU A 213 2.49 -2.38 -12.72
C LEU A 213 3.91 -2.61 -13.18
N PHE A 214 4.65 -1.52 -13.20
CA PHE A 214 6.05 -1.52 -13.55
C PHE A 214 6.76 -0.94 -12.32
N CYS A 215 7.70 -1.70 -11.78
CA CYS A 215 8.42 -1.25 -10.60
C CYS A 215 9.93 -1.33 -10.83
N PHE A 216 10.60 -0.18 -10.70
CA PHE A 216 12.04 -0.14 -10.88
C PHE A 216 12.72 0.59 -9.72
N ALA A 217 13.98 0.23 -9.51
CA ALA A 217 14.79 0.81 -8.46
C ALA A 217 16.03 1.32 -9.17
N VAL A 218 16.48 2.49 -8.75
CA VAL A 218 17.64 3.10 -9.37
C VAL A 218 18.41 3.91 -8.38
N ARG A 219 19.74 3.86 -8.46
CA ARG A 219 20.55 4.71 -7.60
C ARG A 219 21.06 5.80 -8.55
N GLY A 220 20.34 6.92 -8.58
CA GLY A 220 20.71 8.01 -9.46
C GLY A 220 21.59 9.07 -8.86
N GLN A 221 21.38 10.31 -9.31
CA GLN A 221 22.15 11.43 -8.82
C GLN A 221 21.56 11.82 -7.47
N ALA A 222 20.24 11.74 -7.38
CA ALA A 222 19.54 12.06 -6.14
C ALA A 222 19.55 10.85 -5.23
N GLY A 223 20.53 9.98 -5.40
CA GLY A 223 20.62 8.78 -4.59
C GLY A 223 19.60 7.73 -4.99
N GLY A 224 19.38 6.76 -4.09
CA GLY A 224 18.44 5.68 -4.34
C GLY A 224 16.96 6.02 -4.27
N LYS A 225 16.19 5.38 -5.15
CA LYS A 225 14.74 5.57 -5.23
C LYS A 225 14.13 4.30 -5.82
N LEU A 226 12.84 4.13 -5.58
CA LEU A 226 12.10 2.99 -6.08
C LEU A 226 10.75 3.53 -6.52
N HIS A 227 10.35 3.19 -7.74
CA HIS A 227 9.08 3.69 -8.25
C HIS A 227 8.16 2.53 -8.56
N ILE A 228 6.87 2.79 -8.49
CA ILE A 228 5.87 1.78 -8.78
C ILE A 228 4.80 2.54 -9.54
N ILE A 229 4.69 2.27 -10.83
CA ILE A 229 3.71 2.95 -11.66
C ILE A 229 2.86 1.97 -12.46
N GLU A 230 1.68 2.42 -12.86
CA GLU A 230 0.80 1.58 -13.67
C GLU A 230 1.19 1.93 -15.08
N VAL A 231 1.48 0.93 -15.90
CA VAL A 231 1.86 1.16 -17.28
C VAL A 231 0.69 0.95 -18.24
N GLY A 232 0.45 1.95 -19.08
CA GLY A 232 -0.62 1.88 -20.05
C GLY A 232 -1.96 2.35 -19.51
N THR A 233 -2.94 2.41 -20.39
CA THR A 233 -4.28 2.81 -20.03
C THR A 233 -4.88 1.79 -19.06
N PRO A 234 -5.45 2.25 -17.93
CA PRO A 234 -6.05 1.32 -16.99
C PRO A 234 -7.28 0.67 -17.62
N PRO A 235 -7.52 -0.63 -17.37
CA PRO A 235 -8.66 -1.36 -17.95
C PRO A 235 -9.96 -0.59 -17.81
N THR A 236 -10.71 -0.52 -18.91
CA THR A 236 -11.98 0.20 -18.91
C THR A 236 -12.69 -0.11 -17.60
N GLY A 237 -13.07 0.92 -16.86
CA GLY A 237 -13.76 0.71 -15.61
C GLY A 237 -12.89 0.68 -14.37
N ASN A 238 -11.58 0.56 -14.55
CA ASN A 238 -10.70 0.53 -13.40
C ASN A 238 -10.27 1.91 -12.92
N GLN A 239 -9.65 1.93 -11.76
CA GLN A 239 -9.16 3.15 -11.15
C GLN A 239 -7.68 3.16 -11.43
N PRO A 240 -7.12 4.33 -11.72
CA PRO A 240 -5.68 4.34 -11.98
C PRO A 240 -4.92 3.97 -10.70
N PHE A 241 -3.73 3.41 -10.85
CA PHE A 241 -2.94 3.05 -9.69
C PHE A 241 -2.01 4.22 -9.43
N PRO A 242 -2.14 4.87 -8.27
CA PRO A 242 -1.34 6.03 -7.85
C PRO A 242 0.15 5.68 -7.91
N LYS A 243 0.91 6.41 -8.72
CA LYS A 243 2.33 6.12 -8.81
C LYS A 243 2.95 6.36 -7.45
N LYS A 244 3.82 5.46 -7.02
CA LYS A 244 4.48 5.59 -5.74
C LYS A 244 5.99 5.65 -5.89
N ALA A 245 6.62 6.49 -5.08
CA ALA A 245 8.07 6.64 -5.09
C ALA A 245 8.52 6.65 -3.64
N VAL A 246 9.68 6.05 -3.39
CA VAL A 246 10.24 5.96 -2.04
C VAL A 246 11.74 5.77 -2.16
N ASP A 247 12.56 6.40 -1.32
CA ASP A 247 13.97 6.17 -1.51
C ASP A 247 14.50 4.89 -0.90
N VAL A 248 15.40 4.27 -1.66
CA VAL A 248 16.04 3.05 -1.24
C VAL A 248 17.35 3.44 -0.58
N PHE A 249 17.52 2.98 0.65
CA PHE A 249 18.69 3.26 1.44
C PHE A 249 19.96 2.59 0.94
N PHE A 250 21.09 3.20 1.26
CA PHE A 250 22.41 2.75 0.89
C PHE A 250 23.35 3.24 1.99
N PRO A 251 23.87 2.33 2.83
CA PRO A 251 24.78 2.72 3.91
C PRO A 251 26.12 3.26 3.37
N PRO A 252 26.76 4.16 4.14
CA PRO A 252 28.05 4.77 3.75
C PRO A 252 29.10 3.78 3.24
N GLU A 253 29.16 2.60 3.85
CA GLU A 253 30.11 1.58 3.47
C GLU A 253 29.83 1.17 2.03
N ALA A 254 28.54 1.13 1.69
CA ALA A 254 28.09 0.76 0.36
C ALA A 254 28.19 1.98 -0.55
N GLN A 255 29.42 2.38 -0.83
CA GLN A 255 29.67 3.53 -1.68
C GLN A 255 29.15 3.38 -3.10
N ASN A 256 29.69 2.43 -3.85
CA ASN A 256 29.26 2.21 -5.23
C ASN A 256 28.35 0.99 -5.44
N ASP A 257 27.52 0.70 -4.46
CA ASP A 257 26.59 -0.42 -4.57
C ASP A 257 25.34 0.08 -5.30
N PHE A 258 24.61 -0.81 -5.95
CA PHE A 258 23.42 -0.39 -6.68
C PHE A 258 22.50 -1.61 -6.84
N PRO A 259 21.26 -1.29 -7.14
CA PRO A 259 20.27 -2.30 -7.48
C PRO A 259 20.70 -3.26 -8.57
N VAL A 260 20.62 -4.59 -8.29
CA VAL A 260 21.00 -5.56 -9.27
C VAL A 260 19.81 -6.52 -9.58
N ALA A 261 18.91 -6.78 -8.67
CA ALA A 261 17.82 -7.64 -9.10
C ALA A 261 16.53 -7.32 -8.37
N MET A 262 15.42 -7.79 -8.93
CA MET A 262 14.13 -7.53 -8.35
C MET A 262 13.09 -8.56 -8.76
N GLN A 263 12.49 -9.21 -7.78
CA GLN A 263 11.44 -10.15 -8.05
C GLN A 263 10.24 -9.65 -7.25
N ILE A 264 9.03 -9.96 -7.72
CA ILE A 264 7.83 -9.55 -7.01
C ILE A 264 6.92 -10.74 -6.72
N SER A 265 6.57 -10.94 -5.44
CA SER A 265 5.70 -12.03 -5.03
C SER A 265 4.23 -11.64 -5.13
N GLU A 266 3.55 -12.13 -6.16
CA GLU A 266 2.13 -11.84 -6.37
C GLU A 266 1.33 -12.47 -5.22
N LYS A 267 1.97 -13.38 -4.49
CA LYS A 267 1.33 -14.07 -3.38
C LYS A 267 1.23 -13.18 -2.14
N HIS A 268 2.21 -12.31 -1.99
CA HIS A 268 2.24 -11.42 -0.84
C HIS A 268 2.18 -9.95 -1.25
N ASP A 269 2.31 -9.69 -2.55
CA ASP A 269 2.33 -8.32 -3.05
C ASP A 269 3.49 -7.59 -2.38
N VAL A 270 4.67 -8.21 -2.47
CA VAL A 270 5.91 -7.70 -1.92
C VAL A 270 7.01 -7.58 -2.99
N VAL A 271 7.91 -6.63 -2.83
CA VAL A 271 8.97 -6.46 -3.80
C VAL A 271 10.33 -6.76 -3.21
N PHE A 272 10.99 -7.79 -3.70
CA PHE A 272 12.34 -8.12 -3.23
C PHE A 272 13.33 -7.36 -4.11
N LEU A 273 14.23 -6.62 -3.49
CA LEU A 273 15.22 -5.86 -4.22
C LEU A 273 16.58 -6.23 -3.66
N ILE A 274 17.43 -6.78 -4.50
CA ILE A 274 18.75 -7.16 -4.05
C ILE A 274 19.75 -6.26 -4.76
N THR A 275 20.71 -5.73 -4.00
CA THR A 275 21.71 -4.86 -4.57
C THR A 275 22.89 -5.72 -5.02
N LYS A 276 23.82 -5.11 -5.74
CA LYS A 276 24.96 -5.86 -6.22
C LYS A 276 25.78 -6.50 -5.12
N TYR A 277 25.89 -5.83 -3.97
CA TYR A 277 26.71 -6.37 -2.89
C TYR A 277 26.02 -7.05 -1.71
N GLY A 278 24.94 -7.79 -1.99
CA GLY A 278 24.26 -8.53 -0.94
C GLY A 278 23.19 -7.91 -0.05
N TYR A 279 22.71 -6.71 -0.37
CA TYR A 279 21.67 -6.12 0.47
C TYR A 279 20.30 -6.46 -0.09
N ILE A 280 19.40 -6.89 0.79
CA ILE A 280 18.04 -7.25 0.41
C ILE A 280 17.07 -6.25 1.04
N HIS A 281 16.08 -5.80 0.27
CA HIS A 281 15.10 -4.86 0.77
C HIS A 281 13.71 -5.42 0.48
N LEU A 282 12.78 -5.16 1.40
CA LEU A 282 11.40 -5.61 1.28
C LEU A 282 10.54 -4.37 1.18
N TYR A 283 9.67 -4.34 0.17
CA TYR A 283 8.80 -3.19 0.00
C TYR A 283 7.41 -3.69 -0.31
N ASP A 284 6.42 -2.90 0.09
CA ASP A 284 5.04 -3.25 -0.17
C ASP A 284 4.75 -2.83 -1.61
N LEU A 285 4.24 -3.74 -2.41
CA LEU A 285 3.95 -3.45 -3.80
C LEU A 285 2.89 -2.36 -3.95
N GLU A 286 1.96 -2.37 -3.01
CA GLU A 286 0.84 -1.45 -3.00
C GLU A 286 1.16 -0.03 -2.54
N THR A 287 1.99 0.07 -1.52
CA THR A 287 2.32 1.38 -0.97
C THR A 287 3.77 1.77 -1.20
N GLY A 288 4.62 0.78 -1.41
CA GLY A 288 6.03 1.07 -1.60
C GLY A 288 6.72 1.20 -0.25
N THR A 289 5.98 0.89 0.81
CA THR A 289 6.51 0.99 2.16
C THR A 289 7.60 -0.04 2.43
N CYS A 290 8.78 0.45 2.77
CA CYS A 290 9.90 -0.41 3.05
C CYS A 290 9.73 -1.19 4.35
N ILE A 291 9.38 -2.45 4.21
CA ILE A 291 9.15 -3.34 5.36
C ILE A 291 10.43 -3.69 6.12
N TYR A 292 11.39 -4.31 5.44
CA TYR A 292 12.62 -4.74 6.09
C TYR A 292 13.82 -4.47 5.20
N MET A 293 15.01 -4.54 5.78
CA MET A 293 16.24 -4.32 5.04
C MET A 293 17.43 -4.83 5.84
N ASN A 294 18.33 -5.56 5.18
CA ASN A 294 19.51 -6.10 5.84
C ASN A 294 20.40 -6.74 4.78
N ARG A 295 21.53 -7.29 5.22
CA ARG A 295 22.46 -7.91 4.31
C ARG A 295 22.41 -9.44 4.41
N ILE A 296 22.09 -10.08 3.28
CA ILE A 296 21.97 -11.53 3.19
C ILE A 296 23.11 -12.19 2.43
N SER A 297 24.08 -11.42 1.96
CA SER A 297 25.20 -12.01 1.22
C SER A 297 26.41 -11.08 1.21
N GLY A 298 27.56 -11.62 1.62
CA GLY A 298 28.77 -10.83 1.64
C GLY A 298 29.36 -10.76 0.23
N GLU A 299 29.17 -11.85 -0.51
CA GLU A 299 29.63 -11.96 -1.89
C GLU A 299 28.56 -11.33 -2.78
N THR A 300 29.00 -10.68 -3.87
CA THR A 300 28.06 -10.03 -4.79
C THR A 300 27.10 -11.04 -5.39
N ILE A 301 25.95 -10.55 -5.83
CA ILE A 301 24.93 -11.40 -6.43
C ILE A 301 24.70 -10.97 -7.87
N PHE A 302 24.85 -11.90 -8.80
CA PHE A 302 24.71 -11.58 -10.22
C PHE A 302 23.52 -12.15 -10.95
N VAL A 303 22.78 -13.05 -10.31
CA VAL A 303 21.63 -13.65 -10.97
C VAL A 303 20.56 -14.12 -9.99
N THR A 304 19.30 -13.89 -10.36
CA THR A 304 18.20 -14.33 -9.52
C THR A 304 17.00 -14.73 -10.36
N ALA A 305 16.04 -15.38 -9.73
CA ALA A 305 14.83 -15.82 -10.39
C ALA A 305 13.81 -16.01 -9.29
N PRO A 306 12.51 -15.91 -9.63
CA PRO A 306 11.50 -16.10 -8.59
C PRO A 306 11.61 -17.51 -8.01
N HIS A 307 11.50 -17.62 -6.68
CA HIS A 307 11.57 -18.93 -6.03
C HIS A 307 10.14 -19.42 -5.89
N GLU A 308 9.69 -20.15 -6.91
CA GLU A 308 8.34 -20.69 -7.02
C GLU A 308 7.72 -21.24 -5.74
N ALA A 309 8.38 -22.21 -5.13
CA ALA A 309 7.87 -22.82 -3.91
C ALA A 309 7.42 -21.81 -2.86
N THR A 310 8.36 -21.00 -2.37
CA THR A 310 8.09 -20.01 -1.34
C THR A 310 7.53 -18.68 -1.83
N ALA A 311 7.40 -18.50 -3.14
CA ALA A 311 6.91 -17.24 -3.65
C ALA A 311 7.94 -16.12 -3.37
N GLY A 312 9.18 -16.53 -3.13
CA GLY A 312 10.24 -15.56 -2.86
C GLY A 312 11.18 -15.32 -4.04
N ILE A 313 12.45 -15.18 -3.73
CA ILE A 313 13.45 -14.93 -4.75
C ILE A 313 14.68 -15.80 -4.44
N ILE A 314 15.25 -16.37 -5.50
CA ILE A 314 16.42 -17.23 -5.37
C ILE A 314 17.54 -16.73 -6.29
N GLY A 315 18.77 -16.70 -5.78
CA GLY A 315 19.88 -16.22 -6.58
C GLY A 315 21.22 -16.87 -6.25
N VAL A 316 22.19 -16.70 -7.13
CA VAL A 316 23.53 -17.25 -6.91
C VAL A 316 24.44 -16.05 -6.73
N ASN A 317 25.52 -16.25 -5.97
CA ASN A 317 26.47 -15.19 -5.75
C ASN A 317 27.87 -15.74 -6.05
N ARG A 318 28.82 -14.84 -6.25
CA ARG A 318 30.19 -15.24 -6.59
C ARG A 318 30.82 -16.43 -5.88
N LYS A 319 30.41 -16.71 -4.65
CA LYS A 319 30.98 -17.85 -3.93
C LYS A 319 30.42 -19.19 -4.42
N GLY A 320 29.28 -19.13 -5.11
CA GLY A 320 28.68 -20.35 -5.60
C GLY A 320 27.67 -20.78 -4.56
N GLN A 321 27.17 -19.81 -3.83
CA GLN A 321 26.19 -20.08 -2.78
C GLN A 321 24.80 -19.75 -3.30
N VAL A 322 23.95 -20.76 -3.34
CA VAL A 322 22.59 -20.55 -3.81
C VAL A 322 21.75 -20.14 -2.60
N LEU A 323 21.29 -18.88 -2.63
CA LEU A 323 20.50 -18.31 -1.56
C LEU A 323 19.09 -17.98 -1.98
N SER A 324 18.19 -17.98 -1.01
CA SER A 324 16.81 -17.66 -1.25
C SER A 324 16.28 -16.90 -0.05
N VAL A 325 15.32 -16.03 -0.31
CA VAL A 325 14.72 -15.23 0.73
C VAL A 325 13.26 -15.04 0.37
N CYS A 326 12.37 -15.27 1.33
CA CYS A 326 10.96 -15.07 1.07
C CYS A 326 10.31 -14.44 2.28
N VAL A 327 8.98 -14.36 2.26
CA VAL A 327 8.25 -13.79 3.37
C VAL A 327 7.99 -14.89 4.42
N GLU A 328 8.43 -14.62 5.63
CA GLU A 328 8.21 -15.51 6.78
C GLU A 328 6.73 -15.36 7.16
N GLU A 329 5.86 -16.05 6.40
CA GLU A 329 4.39 -15.98 6.61
C GLU A 329 3.90 -16.08 8.10
N GLU A 330 4.65 -16.73 8.95
CA GLU A 330 4.21 -16.85 10.32
C GLU A 330 4.43 -15.55 11.13
N ASN A 331 5.45 -14.77 10.77
CA ASN A 331 5.72 -13.53 11.52
C ASN A 331 5.65 -12.19 10.82
N ILE A 332 5.63 -12.15 9.48
CA ILE A 332 5.64 -10.84 8.83
C ILE A 332 4.70 -9.81 9.50
N ILE A 333 3.45 -10.17 9.71
CA ILE A 333 2.50 -9.24 10.34
C ILE A 333 3.04 -8.75 11.70
N PRO A 334 3.29 -9.68 12.65
CA PRO A 334 3.81 -9.33 13.97
C PRO A 334 5.01 -8.41 13.89
N TYR A 335 5.91 -8.67 12.93
CA TYR A 335 7.09 -7.83 12.79
C TYR A 335 6.68 -6.41 12.39
N ILE A 336 5.83 -6.31 11.39
CA ILE A 336 5.38 -5.02 10.91
C ILE A 336 4.68 -4.25 12.02
N THR A 337 3.80 -4.95 12.72
CA THR A 337 3.04 -4.38 13.83
C THR A 337 3.93 -3.92 14.98
N ASN A 338 4.62 -4.86 15.62
CA ASN A 338 5.49 -4.55 16.74
C ASN A 338 6.78 -3.81 16.37
N VAL A 339 7.69 -4.49 15.67
CA VAL A 339 8.97 -3.88 15.28
C VAL A 339 8.86 -2.58 14.47
N LEU A 340 8.12 -2.62 13.37
CA LEU A 340 7.96 -1.45 12.52
C LEU A 340 6.97 -0.43 13.04
N GLN A 341 6.20 -0.81 14.06
CA GLN A 341 5.20 0.07 14.63
C GLN A 341 4.38 0.69 13.50
N ASN A 342 3.86 -0.17 12.63
CA ASN A 342 3.05 0.23 11.50
C ASN A 342 1.79 -0.65 11.46
N PRO A 343 0.82 -0.34 12.32
CA PRO A 343 -0.44 -1.08 12.42
C PRO A 343 -1.22 -1.12 11.12
N ASP A 344 -1.33 0.03 10.45
CA ASP A 344 -2.08 0.10 9.19
C ASP A 344 -1.54 -0.91 8.19
N LEU A 345 -0.26 -0.78 7.86
CA LEU A 345 0.36 -1.69 6.91
C LEU A 345 0.03 -3.11 7.35
N ALA A 346 0.48 -3.47 8.54
CA ALA A 346 0.25 -4.81 9.09
C ALA A 346 -1.19 -5.29 8.97
N LEU A 347 -2.13 -4.41 9.25
CA LEU A 347 -3.55 -4.72 9.18
C LEU A 347 -3.93 -5.02 7.74
N ARG A 348 -3.40 -4.20 6.83
CA ARG A 348 -3.67 -4.33 5.41
C ARG A 348 -3.13 -5.64 4.83
N MET A 349 -1.86 -5.89 5.06
CA MET A 349 -1.22 -7.11 4.54
C MET A 349 -1.98 -8.35 5.01
N ALA A 350 -2.26 -8.42 6.31
CA ALA A 350 -2.96 -9.55 6.92
C ALA A 350 -4.26 -9.87 6.20
N VAL A 351 -5.08 -8.86 5.95
CA VAL A 351 -6.35 -9.05 5.25
C VAL A 351 -6.20 -9.25 3.74
N ARG A 352 -5.29 -8.48 3.15
CA ARG A 352 -5.02 -8.50 1.71
C ARG A 352 -4.54 -9.85 1.21
N ASN A 353 -3.47 -10.39 1.80
CA ASN A 353 -2.95 -11.69 1.31
C ASN A 353 -3.35 -12.84 2.25
N ASN A 354 -4.50 -12.69 2.94
CA ASN A 354 -5.02 -13.69 3.89
C ASN A 354 -3.95 -14.25 4.83
N LEU A 355 -3.15 -13.34 5.42
CA LEU A 355 -2.09 -13.77 6.36
C LEU A 355 -2.52 -13.65 7.78
N ALA A 356 -1.68 -14.19 8.67
CA ALA A 356 -2.04 -14.18 10.08
C ALA A 356 -0.97 -13.62 11.03
N GLY A 357 -1.29 -12.48 11.65
CA GLY A 357 -0.38 -11.85 12.58
C GLY A 357 -1.15 -10.99 13.58
N GLN B 1 -29.70 14.91 -14.83
CA GLN B 1 -28.30 14.70 -14.59
C GLN B 1 -28.00 14.79 -13.11
N ILE B 2 -29.01 14.66 -12.29
CA ILE B 2 -28.53 15.15 -11.05
C ILE B 2 -28.17 14.19 -9.96
N LEU B 3 -27.57 14.90 -9.04
CA LEU B 3 -26.97 14.30 -7.90
C LEU B 3 -27.44 14.89 -6.61
N PRO B 4 -27.60 13.96 -5.66
CA PRO B 4 -28.09 14.29 -4.29
C PRO B 4 -27.22 15.21 -3.63
N ILE B 5 -26.10 14.65 -3.89
CA ILE B 5 -24.97 15.19 -3.15
C ILE B 5 -24.29 16.30 -3.94
N ARG B 6 -23.14 16.73 -3.44
CA ARG B 6 -22.39 17.80 -4.08
C ARG B 6 -20.95 17.69 -3.65
N PHE B 7 -20.16 17.10 -4.52
CA PHE B 7 -18.74 16.86 -4.27
C PHE B 7 -17.90 18.10 -4.52
N GLN B 8 -16.69 18.12 -3.94
CA GLN B 8 -15.80 19.26 -4.12
C GLN B 8 -14.40 18.98 -3.56
N GLU B 9 -13.38 19.39 -4.32
CA GLU B 9 -12.00 19.23 -3.87
C GLU B 9 -11.55 20.58 -3.32
N HIS B 10 -10.98 20.55 -2.13
CA HIS B 10 -10.54 21.78 -1.48
C HIS B 10 -9.05 21.96 -1.65
N LEU B 11 -8.30 20.88 -1.47
CA LEU B 11 -6.85 20.96 -1.58
C LEU B 11 -6.15 19.68 -2.01
N GLN B 12 -4.88 19.85 -2.34
CA GLN B 12 -3.99 18.78 -2.74
C GLN B 12 -2.73 18.99 -1.92
N LEU B 13 -2.73 18.49 -0.69
CA LEU B 13 -1.62 18.65 0.24
C LEU B 13 -0.22 18.52 -0.39
N GLN B 14 -0.14 17.83 -1.51
CA GLN B 14 1.15 17.67 -2.18
C GLN B 14 1.57 18.97 -2.86
N ASN B 15 0.61 19.69 -3.41
CA ASN B 15 0.87 20.98 -4.05
C ASN B 15 1.39 21.97 -3.01
N LEU B 16 1.33 21.58 -1.73
CA LEU B 16 1.81 22.43 -0.64
C LEU B 16 3.15 21.92 -0.16
N GLY B 17 3.62 20.84 -0.77
CA GLY B 17 4.92 20.32 -0.41
C GLY B 17 4.92 19.27 0.68
N ILE B 18 3.75 18.70 0.98
CA ILE B 18 3.68 17.67 2.00
C ILE B 18 4.08 16.32 1.41
N ASN B 19 5.06 15.69 2.05
CA ASN B 19 5.53 14.39 1.63
C ASN B 19 4.37 13.39 1.70
N PRO B 20 4.08 12.71 0.59
CA PRO B 20 2.98 11.73 0.53
C PRO B 20 3.08 10.65 1.59
N ALA B 21 4.25 10.51 2.19
CA ALA B 21 4.49 9.50 3.23
C ALA B 21 3.94 9.95 4.58
N ASN B 22 3.57 11.22 4.70
CA ASN B 22 3.04 11.73 5.95
C ASN B 22 1.54 11.96 5.84
N ILE B 23 0.97 11.58 4.71
CA ILE B 23 -0.46 11.73 4.51
C ILE B 23 -1.10 10.41 4.94
N GLY B 24 -1.20 10.22 6.25
CA GLY B 24 -1.79 9.02 6.80
C GLY B 24 -2.37 9.22 8.19
N PHE B 25 -3.04 8.17 8.67
CA PHE B 25 -3.69 8.15 9.98
C PHE B 25 -2.86 8.68 11.13
N SER B 26 -1.61 8.21 11.26
CA SER B 26 -0.75 8.60 12.39
C SER B 26 0.12 9.84 12.26
N THR B 27 0.00 10.60 11.18
CA THR B 27 0.84 11.78 11.05
C THR B 27 0.07 12.98 10.53
N LEU B 28 -1.13 12.70 10.01
CA LEU B 28 -1.98 13.76 9.48
C LEU B 28 -3.24 13.76 10.31
N THR B 29 -3.57 14.90 10.92
CA THR B 29 -4.78 14.98 11.72
C THR B 29 -5.67 16.12 11.23
N MET B 30 -6.98 15.92 11.38
CA MET B 30 -7.93 16.93 11.00
C MET B 30 -9.09 16.95 12.01
N GLU B 31 -8.82 17.46 13.20
CA GLU B 31 -9.81 17.53 14.28
C GLU B 31 -11.01 18.40 13.98
N SER B 32 -11.02 19.01 12.80
CA SER B 32 -12.12 19.87 12.39
C SER B 32 -11.79 20.30 10.98
N ASP B 33 -12.64 21.13 10.37
CA ASP B 33 -12.37 21.59 9.02
C ASP B 33 -11.67 22.94 9.00
N LYS B 34 -11.09 23.34 10.13
CA LYS B 34 -10.39 24.62 10.25
C LYS B 34 -8.88 24.45 10.14
N PHE B 35 -8.42 23.23 10.40
CA PHE B 35 -6.99 22.97 10.32
C PHE B 35 -6.66 21.52 9.97
N ILE B 36 -5.47 21.32 9.43
CA ILE B 36 -4.96 20.00 9.10
C ILE B 36 -3.55 20.11 9.65
N CYS B 37 -3.14 19.11 10.40
CA CYS B 37 -1.81 19.13 11.02
C CYS B 37 -1.01 17.89 10.64
N ILE B 38 0.08 18.12 9.90
CA ILE B 38 0.94 17.04 9.46
C ILE B 38 2.28 17.10 10.19
N ARG B 39 2.76 15.94 10.62
CA ARG B 39 4.04 15.85 11.30
C ARG B 39 5.02 15.31 10.26
N GLU B 40 6.06 16.07 9.97
CA GLU B 40 7.05 15.65 8.98
C GLU B 40 8.41 15.54 9.63
N LYS B 41 9.31 14.80 8.99
CA LYS B 41 10.64 14.61 9.53
C LYS B 41 11.74 15.26 8.70
N VAL B 42 11.50 16.49 8.22
CA VAL B 42 12.46 17.24 7.41
C VAL B 42 13.87 17.25 8.00
N GLY B 43 14.72 16.34 7.51
CA GLY B 43 16.08 16.22 8.01
C GLY B 43 16.06 15.36 9.26
N GLU B 44 16.92 15.68 10.22
CA GLU B 44 16.95 14.93 11.48
C GLU B 44 16.11 15.76 12.44
N GLN B 45 15.34 16.68 11.86
CA GLN B 45 14.50 17.59 12.61
C GLN B 45 13.01 17.35 12.43
N ALA B 46 12.34 16.96 13.51
CA ALA B 46 10.90 16.73 13.47
C ALA B 46 10.22 18.09 13.53
N GLN B 47 9.07 18.21 12.89
CA GLN B 47 8.35 19.47 12.87
C GLN B 47 6.90 19.26 12.52
N VAL B 48 6.07 20.26 12.81
CA VAL B 48 4.65 20.15 12.51
C VAL B 48 4.26 21.22 11.51
N VAL B 49 3.49 20.80 10.52
CA VAL B 49 3.03 21.72 9.52
C VAL B 49 1.56 21.95 9.80
N ILE B 50 1.21 23.17 10.14
CA ILE B 50 -0.17 23.50 10.40
C ILE B 50 -0.70 24.14 9.14
N ILE B 51 -1.86 23.68 8.68
CA ILE B 51 -2.44 24.25 7.49
C ILE B 51 -3.76 24.89 7.87
N ASP B 52 -3.80 26.20 7.77
CA ASP B 52 -5.00 26.97 8.09
C ASP B 52 -5.91 26.89 6.88
N MET B 53 -7.00 26.12 6.98
CA MET B 53 -7.91 25.96 5.85
C MET B 53 -8.40 27.25 5.22
N ASN B 54 -8.24 28.37 5.91
CA ASN B 54 -8.69 29.66 5.37
C ASN B 54 -7.52 30.38 4.69
N ASP B 55 -6.40 29.71 4.59
CA ASP B 55 -5.19 30.25 4.03
C ASP B 55 -4.21 29.05 3.86
N PRO B 56 -4.63 28.24 2.85
CA PRO B 56 -3.92 26.99 2.47
C PRO B 56 -2.51 27.21 2.04
N SER B 57 -2.38 28.22 1.18
CA SER B 57 -1.09 28.57 0.58
C SER B 57 -0.01 28.98 1.57
N ASN B 58 -0.37 29.29 2.82
CA ASN B 58 0.64 29.73 3.79
C ASN B 58 0.88 28.80 4.99
N PRO B 59 1.09 27.50 4.73
CA PRO B 59 1.34 26.58 5.83
C PRO B 59 2.48 27.08 6.69
N ILE B 60 2.37 26.89 7.99
CA ILE B 60 3.41 27.31 8.92
C ILE B 60 4.06 26.07 9.53
N ARG B 61 5.39 26.05 9.50
CA ARG B 61 6.15 24.92 10.03
C ARG B 61 6.89 25.30 11.30
N ARG B 62 6.85 24.56 12.40
CA ARG B 62 7.33 24.62 13.76
C ARG B 62 7.96 23.32 14.19
N PRO B 63 9.23 23.41 14.74
CA PRO B 63 9.92 22.23 15.27
C PRO B 63 9.21 21.64 16.49
N ILE B 64 8.89 20.34 16.42
CA ILE B 64 8.24 19.67 17.54
C ILE B 64 8.99 18.40 17.86
N SER B 65 8.64 17.78 18.98
CA SER B 65 9.28 16.53 19.37
C SER B 65 8.19 15.69 20.01
N ALA B 66 6.98 15.88 19.52
CA ALA B 66 5.84 15.16 20.03
C ALA B 66 5.53 14.00 19.09
N ASP B 67 5.07 12.89 19.64
CA ASP B 67 4.73 11.73 18.83
C ASP B 67 3.32 11.88 18.30
N SER B 68 2.69 13.02 18.59
CA SER B 68 1.34 13.23 18.10
C SER B 68 0.92 14.67 18.33
N ALA B 69 0.19 15.21 17.36
CA ALA B 69 -0.26 16.59 17.43
C ALA B 69 -1.71 16.71 16.99
N ILE B 70 -2.56 17.23 17.87
CA ILE B 70 -3.94 17.43 17.48
C ILE B 70 -4.37 18.85 17.80
N MET B 71 -4.93 19.50 16.78
CA MET B 71 -5.39 20.87 16.86
C MET B 71 -6.81 21.00 17.38
N ASN B 72 -7.01 22.03 18.20
CA ASN B 72 -8.32 22.32 18.75
C ASN B 72 -9.25 22.55 17.57
N PRO B 73 -10.50 22.15 17.69
CA PRO B 73 -11.42 22.36 16.58
C PRO B 73 -11.75 23.80 16.21
N ALA B 74 -11.46 24.75 17.09
CA ALA B 74 -11.83 26.12 16.78
C ALA B 74 -10.76 27.18 16.95
N SER B 75 -9.68 26.87 17.64
CA SER B 75 -8.64 27.86 17.87
C SER B 75 -7.25 27.29 17.67
N LYS B 76 -6.29 28.18 17.43
CA LYS B 76 -4.92 27.78 17.21
C LYS B 76 -4.28 27.30 18.51
N VAL B 77 -4.95 26.33 19.13
CA VAL B 77 -4.50 25.74 20.38
C VAL B 77 -4.19 24.31 20.05
N ILE B 78 -2.98 23.86 20.38
CA ILE B 78 -2.59 22.52 20.01
C ILE B 78 -2.18 21.61 21.15
N ALA B 79 -2.63 20.36 21.07
CA ALA B 79 -2.31 19.35 22.05
C ALA B 79 -1.10 18.57 21.50
N LEU B 80 -0.04 18.48 22.28
CA LEU B 80 1.16 17.78 21.86
C LEU B 80 1.55 16.82 22.94
N LYS B 81 1.87 15.58 22.57
CA LYS B 81 2.26 14.60 23.57
C LYS B 81 3.47 13.82 23.13
N ALA B 82 4.23 13.34 24.12
CA ALA B 82 5.42 12.55 23.90
C ALA B 82 5.46 11.49 24.99
N GLY B 83 4.85 10.34 24.72
CA GLY B 83 4.84 9.28 25.71
C GLY B 83 3.75 9.56 26.73
N LYS B 84 4.14 9.72 27.99
CA LYS B 84 3.18 10.01 29.06
C LYS B 84 3.10 11.53 29.30
N THR B 85 3.95 12.27 28.60
CA THR B 85 3.99 13.73 28.71
C THR B 85 2.99 14.42 27.80
N LEU B 86 2.06 15.17 28.39
CA LEU B 86 1.06 15.89 27.62
C LEU B 86 1.10 17.40 27.86
N GLN B 87 1.23 18.17 26.78
CA GLN B 87 1.23 19.62 26.88
C GLN B 87 0.22 20.23 25.93
N ILE B 88 -0.18 21.46 26.23
CA ILE B 88 -1.14 22.17 25.41
C ILE B 88 -0.72 23.62 25.27
N PHE B 89 -0.51 24.05 24.03
CA PHE B 89 -0.07 25.41 23.77
C PHE B 89 -1.04 26.24 22.96
N ASN B 90 -0.97 27.54 23.16
CA ASN B 90 -1.78 28.45 22.36
C ASN B 90 -0.71 29.04 21.43
N ILE B 91 -0.64 28.46 20.22
CA ILE B 91 0.35 28.85 19.23
C ILE B 91 0.50 30.37 19.05
N GLU B 92 -0.60 31.08 18.88
CA GLU B 92 -0.49 32.52 18.68
C GLU B 92 0.16 33.21 19.88
N MET B 93 -0.22 32.84 21.10
CA MET B 93 0.37 33.45 22.30
C MET B 93 1.68 32.78 22.64
N LYS B 94 2.06 31.79 21.84
CA LYS B 94 3.30 31.05 22.05
C LYS B 94 3.49 30.68 23.52
N SER B 95 2.47 30.09 24.14
CA SER B 95 2.60 29.74 25.55
C SER B 95 2.00 28.38 25.96
N LYS B 96 2.57 27.78 27.01
CA LYS B 96 2.08 26.51 27.51
C LYS B 96 0.94 26.73 28.49
N MET B 97 -0.28 26.47 28.04
CA MET B 97 -1.46 26.63 28.86
C MET B 97 -1.54 25.63 30.01
N LYS B 98 -1.55 24.33 29.68
CA LYS B 98 -1.65 23.29 30.69
C LYS B 98 -1.03 21.99 30.21
N ALA B 99 -0.56 21.18 31.17
CA ALA B 99 0.49 20.19 31.18
C ALA B 99 0.04 19.10 32.15
N HIS B 100 0.33 17.87 31.80
CA HIS B 100 -0.05 16.72 32.59
C HIS B 100 0.75 15.49 32.19
N THR B 101 1.31 14.81 33.19
CA THR B 101 2.07 13.61 32.91
C THR B 101 1.28 12.36 33.29
N MET B 102 0.66 11.74 32.29
CA MET B 102 -0.11 10.53 32.52
C MET B 102 0.75 9.44 33.17
N THR B 103 0.10 8.40 33.69
CA THR B 103 0.80 7.31 34.34
C THR B 103 1.01 6.12 33.37
N ASP B 104 0.30 6.21 32.24
CA ASP B 104 0.35 5.22 31.17
C ASP B 104 0.45 5.97 29.84
N ASP B 105 0.98 5.33 28.80
CA ASP B 105 1.06 5.99 27.49
C ASP B 105 -0.35 6.13 26.91
N VAL B 106 -0.54 7.15 26.08
CA VAL B 106 -1.83 7.41 25.45
C VAL B 106 -1.81 6.90 24.01
N THR B 107 -2.53 5.83 23.72
CA THR B 107 -2.52 5.26 22.37
C THR B 107 -3.40 5.98 21.35
N PHE B 108 -4.28 6.81 21.83
CA PHE B 108 -5.19 7.53 20.95
C PHE B 108 -5.68 8.71 21.78
N TRP B 109 -6.13 9.77 21.11
CA TRP B 109 -6.66 10.93 21.81
C TRP B 109 -7.18 11.87 20.77
N LYS B 110 -8.32 12.47 21.04
CA LYS B 110 -8.94 13.36 20.09
C LYS B 110 -9.88 14.35 20.78
N TRP B 111 -9.90 15.58 20.27
CA TRP B 111 -10.78 16.59 20.83
C TRP B 111 -12.20 16.09 20.65
N ILE B 112 -13.07 16.26 21.66
CA ILE B 112 -14.45 15.81 21.52
C ILE B 112 -15.40 16.97 21.68
N SER B 113 -14.85 18.12 22.05
CA SER B 113 -15.62 19.35 22.21
C SER B 113 -14.67 20.53 21.96
N LEU B 114 -15.18 21.76 22.00
CA LEU B 114 -14.33 22.93 21.80
C LEU B 114 -13.37 23.10 22.96
N ASN B 115 -13.56 22.36 24.06
CA ASN B 115 -12.64 22.51 25.20
C ASN B 115 -12.15 21.22 25.87
N THR B 116 -12.61 20.07 25.41
CA THR B 116 -12.20 18.82 26.04
C THR B 116 -11.47 17.83 25.15
N VAL B 117 -10.38 17.25 25.68
CA VAL B 117 -9.58 16.27 24.98
C VAL B 117 -9.80 14.90 25.61
N ALA B 118 -10.04 13.89 24.78
CA ALA B 118 -10.24 12.53 25.27
C ALA B 118 -8.91 11.80 25.15
N LEU B 119 -8.54 11.07 26.19
CA LEU B 119 -7.30 10.31 26.18
C LEU B 119 -7.57 8.82 26.35
N VAL B 120 -7.05 8.00 25.44
CA VAL B 120 -7.23 6.56 25.56
C VAL B 120 -5.90 5.90 25.85
N THR B 121 -5.88 5.12 26.94
CA THR B 121 -4.68 4.38 27.31
C THR B 121 -5.05 2.96 26.97
N ASP B 122 -4.15 2.03 27.22
CA ASP B 122 -4.42 0.63 26.90
C ASP B 122 -5.60 0.07 27.67
N ASN B 123 -5.82 0.56 28.90
CA ASN B 123 -6.91 0.02 29.72
C ASN B 123 -7.91 1.00 30.32
N ALA B 124 -8.02 2.19 29.73
CA ALA B 124 -8.98 3.16 30.25
C ALA B 124 -9.11 4.38 29.34
N VAL B 125 -10.19 5.11 29.52
CA VAL B 125 -10.47 6.29 28.74
C VAL B 125 -10.65 7.49 29.67
N TYR B 126 -9.99 8.61 29.36
CA TYR B 126 -10.12 9.80 30.21
C TYR B 126 -10.61 11.02 29.43
N HIS B 127 -11.11 11.99 30.15
CA HIS B 127 -11.57 13.24 29.56
C HIS B 127 -10.69 14.28 30.24
N TRP B 128 -10.34 15.34 29.53
CA TRP B 128 -9.48 16.35 30.10
C TRP B 128 -9.97 17.68 29.59
N SER B 129 -10.47 18.51 30.49
CA SER B 129 -10.97 19.83 30.11
C SER B 129 -9.88 20.88 30.17
N MET B 130 -10.02 21.93 29.39
CA MET B 130 -9.04 22.99 29.35
C MET B 130 -9.56 24.11 30.23
N GLU B 131 -10.81 23.94 30.66
CA GLU B 131 -11.48 24.89 31.51
C GLU B 131 -10.79 24.93 32.86
N GLY B 132 -10.11 26.03 33.14
CA GLY B 132 -9.41 26.17 34.40
C GLY B 132 -8.47 25.04 34.81
N GLU B 133 -8.11 25.07 36.08
CA GLU B 133 -7.17 24.15 36.75
C GLU B 133 -7.30 22.64 36.59
N SER B 134 -8.31 22.18 35.86
CA SER B 134 -8.55 20.76 35.67
C SER B 134 -7.38 19.82 35.36
N GLN B 135 -7.72 18.53 35.43
CA GLN B 135 -6.80 17.44 35.15
C GLN B 135 -7.63 16.34 34.49
N PRO B 136 -6.97 15.29 34.01
CA PRO B 136 -7.73 14.21 33.36
C PRO B 136 -8.57 13.38 34.35
N VAL B 137 -9.79 13.08 33.94
CA VAL B 137 -10.72 12.30 34.74
C VAL B 137 -11.04 10.97 34.05
N LYS B 138 -10.78 9.85 34.73
CA LYS B 138 -11.08 8.55 34.18
C LYS B 138 -12.58 8.41 34.01
N MET B 139 -13.02 8.15 32.79
CA MET B 139 -14.44 8.00 32.51
C MET B 139 -14.89 6.55 32.67
N PHE B 140 -14.05 5.62 32.27
CA PHE B 140 -14.41 4.22 32.36
C PHE B 140 -13.24 3.32 32.02
N ASP B 141 -13.27 2.08 32.51
CA ASP B 141 -12.20 1.15 32.22
C ASP B 141 -12.52 0.45 30.90
N ARG B 142 -11.50 0.19 30.09
CA ARG B 142 -11.73 -0.44 28.78
C ARG B 142 -12.20 -1.89 28.84
N HIS B 143 -13.17 -2.22 28.01
CA HIS B 143 -13.69 -3.58 27.94
C HIS B 143 -12.66 -4.50 27.29
N SER B 144 -12.57 -5.73 27.80
CA SER B 144 -11.62 -6.70 27.29
C SER B 144 -11.85 -7.05 25.81
N SER B 145 -13.04 -6.77 25.28
CA SER B 145 -13.32 -7.07 23.89
C SER B 145 -12.50 -6.22 22.88
N LEU B 146 -11.85 -5.16 23.36
CA LEU B 146 -11.01 -4.32 22.50
C LEU B 146 -9.55 -4.53 22.84
N ALA B 147 -9.27 -5.47 23.73
CA ALA B 147 -7.89 -5.72 24.10
C ALA B 147 -7.11 -6.24 22.91
N GLY B 148 -6.22 -5.40 22.39
CA GLY B 148 -5.42 -5.83 21.27
C GLY B 148 -5.75 -5.02 20.04
N CYS B 149 -6.99 -4.53 19.97
CA CYS B 149 -7.42 -3.73 18.83
C CYS B 149 -6.57 -2.50 18.68
N GLN B 150 -6.65 -1.92 17.48
CA GLN B 150 -5.93 -0.71 17.11
C GLN B 150 -7.00 0.36 17.31
N ILE B 151 -6.80 1.26 18.27
CA ILE B 151 -7.82 2.29 18.47
C ILE B 151 -7.82 3.28 17.32
N ILE B 152 -9.00 3.49 16.74
CA ILE B 152 -9.12 4.39 15.61
C ILE B 152 -10.14 5.49 15.80
N ASN B 153 -10.95 5.39 16.84
CA ASN B 153 -11.91 6.45 17.07
C ASN B 153 -12.54 6.46 18.46
N TYR B 154 -13.04 7.64 18.83
CA TYR B 154 -13.69 7.86 20.10
C TYR B 154 -14.73 8.98 19.88
N ARG B 155 -15.99 8.67 20.11
CA ARG B 155 -17.05 9.67 19.92
C ARG B 155 -17.98 9.77 21.12
N THR B 156 -18.66 10.89 21.20
CA THR B 156 -19.55 11.21 22.31
C THR B 156 -20.87 11.79 21.82
N ASP B 157 -21.92 11.65 22.62
CA ASP B 157 -23.20 12.24 22.25
C ASP B 157 -23.12 13.73 22.65
N ALA B 158 -24.11 14.52 22.31
CA ALA B 158 -24.06 15.94 22.66
C ALA B 158 -23.84 16.24 24.13
N LYS B 159 -24.45 15.46 25.03
CA LYS B 159 -24.31 15.72 26.46
C LYS B 159 -23.24 14.83 27.12
N GLN B 160 -22.29 14.35 26.33
CA GLN B 160 -21.23 13.52 26.88
C GLN B 160 -21.77 12.56 27.94
N LYS B 161 -22.90 11.92 27.64
CA LYS B 161 -23.53 10.97 28.54
C LYS B 161 -23.33 9.56 27.99
N TRP B 162 -22.93 9.50 26.72
CA TRP B 162 -22.66 8.25 26.05
C TRP B 162 -21.30 8.35 25.38
N LEU B 163 -20.47 7.34 25.59
CA LEU B 163 -19.12 7.36 25.05
C LEU B 163 -18.84 6.12 24.21
N LEU B 164 -18.36 6.33 22.98
CA LEU B 164 -18.05 5.22 22.08
C LEU B 164 -16.54 5.15 21.77
N LEU B 165 -15.94 4.00 22.07
CA LEU B 165 -14.52 3.78 21.80
C LEU B 165 -14.47 2.67 20.75
N THR B 166 -13.92 2.97 19.57
CA THR B 166 -13.88 1.97 18.50
C THR B 166 -12.51 1.50 18.14
N GLY B 167 -12.38 0.19 18.02
CA GLY B 167 -11.11 -0.40 17.64
C GLY B 167 -11.30 -1.39 16.50
N ILE B 168 -10.20 -1.82 15.90
CA ILE B 168 -10.27 -2.79 14.81
C ILE B 168 -9.10 -3.75 14.92
N SER B 169 -9.24 -4.89 14.25
CA SER B 169 -8.20 -5.90 14.28
C SER B 169 -8.34 -6.85 13.10
N ALA B 170 -7.25 -7.50 12.75
CA ALA B 170 -7.24 -8.45 11.64
C ALA B 170 -7.58 -9.81 12.23
N GLN B 171 -8.81 -10.26 11.99
CA GLN B 171 -9.26 -11.55 12.49
C GLN B 171 -10.04 -12.25 11.40
N GLN B 172 -9.65 -13.48 11.11
CA GLN B 172 -10.29 -14.30 10.07
C GLN B 172 -10.13 -13.69 8.70
N ASN B 173 -8.99 -13.06 8.43
CA ASN B 173 -8.76 -12.46 7.11
C ASN B 173 -9.86 -11.48 6.72
N ARG B 174 -10.10 -10.52 7.60
CA ARG B 174 -11.07 -9.46 7.38
C ARG B 174 -10.92 -8.55 8.59
N VAL B 175 -11.17 -7.26 8.41
CA VAL B 175 -11.05 -6.30 9.51
C VAL B 175 -12.32 -6.34 10.32
N VAL B 176 -12.23 -6.78 11.57
CA VAL B 176 -13.41 -6.84 12.42
C VAL B 176 -13.42 -5.64 13.37
N GLY B 177 -14.58 -5.04 13.52
CA GLY B 177 -14.69 -3.87 14.38
C GLY B 177 -15.23 -4.13 15.77
N ALA B 178 -14.47 -3.70 16.77
CA ALA B 178 -14.86 -3.85 18.16
C ALA B 178 -15.16 -2.52 18.84
N MET B 179 -16.43 -2.30 19.17
CA MET B 179 -16.83 -1.07 19.84
C MET B 179 -17.25 -1.27 21.31
N GLN B 180 -17.02 -0.23 22.12
CA GLN B 180 -17.40 -0.22 23.54
C GLN B 180 -18.26 1.00 23.80
N LEU B 181 -19.55 0.77 24.05
CA LEU B 181 -20.50 1.85 24.32
C LEU B 181 -20.71 1.96 25.82
N TYR B 182 -20.20 3.02 26.42
CA TYR B 182 -20.32 3.25 27.86
C TYR B 182 -21.42 4.23 28.20
N SER B 183 -22.16 3.91 29.26
CA SER B 183 -23.23 4.77 29.75
C SER B 183 -22.79 5.48 31.02
N VAL B 184 -22.47 6.76 30.89
CA VAL B 184 -22.02 7.58 32.01
C VAL B 184 -22.98 7.53 33.20
N ASP B 185 -24.28 7.59 32.92
CA ASP B 185 -25.28 7.53 33.98
C ASP B 185 -25.37 6.18 34.69
N ARG B 186 -25.52 5.10 33.93
CA ARG B 186 -25.65 3.76 34.49
C ARG B 186 -24.37 3.03 34.84
N LYS B 187 -23.23 3.67 34.61
CA LYS B 187 -21.93 3.06 34.89
C LYS B 187 -21.77 1.63 34.32
N VAL B 188 -22.39 1.38 33.17
CA VAL B 188 -22.29 0.07 32.51
C VAL B 188 -21.88 0.18 31.02
N SER B 189 -21.14 -0.78 30.51
CA SER B 189 -20.71 -0.69 29.11
C SER B 189 -21.02 -1.94 28.27
N GLN B 190 -21.57 -1.73 27.08
CA GLN B 190 -21.93 -2.81 26.17
C GLN B 190 -21.07 -3.04 24.91
N PRO B 191 -20.57 -4.26 24.72
CA PRO B 191 -19.74 -4.60 23.55
C PRO B 191 -20.59 -4.63 22.29
N ILE B 192 -20.03 -4.14 21.18
CA ILE B 192 -20.74 -4.14 19.92
C ILE B 192 -19.76 -4.35 18.76
N GLU B 193 -20.20 -5.05 17.73
CA GLU B 193 -19.35 -5.27 16.57
C GLU B 193 -19.69 -4.12 15.62
N GLY B 194 -18.71 -3.26 15.35
CA GLY B 194 -18.95 -2.12 14.49
C GLY B 194 -17.66 -1.50 13.96
N HIS B 195 -17.77 -0.77 12.86
CA HIS B 195 -16.60 -0.15 12.25
C HIS B 195 -16.64 1.34 12.41
N ALA B 196 -17.76 1.94 12.04
CA ALA B 196 -17.92 3.37 12.14
C ALA B 196 -19.25 3.69 12.78
N ALA B 197 -19.37 4.89 13.33
CA ALA B 197 -20.60 5.32 13.98
C ALA B 197 -20.53 6.78 14.42
N SER B 198 -21.66 7.30 14.87
CA SER B 198 -21.73 8.67 15.35
C SER B 198 -23.06 8.87 16.08
N PHE B 199 -23.10 9.83 16.99
CA PHE B 199 -24.33 10.08 17.71
C PHE B 199 -25.05 11.21 17.01
N ALA B 200 -26.27 11.51 17.46
CA ALA B 200 -27.04 12.58 16.84
C ALA B 200 -28.28 12.92 17.66
N GLN B 201 -28.62 14.20 17.70
CA GLN B 201 -29.82 14.63 18.40
C GLN B 201 -30.91 14.66 17.36
N PHE B 202 -32.09 14.14 17.72
CA PHE B 202 -33.20 14.11 16.80
C PHE B 202 -34.51 14.28 17.55
N LYS B 203 -35.36 15.18 17.07
CA LYS B 203 -36.64 15.41 17.74
C LYS B 203 -37.76 14.75 16.96
N MET B 204 -38.16 13.57 17.42
CA MET B 204 -39.23 12.80 16.80
C MET B 204 -40.51 13.61 16.87
N GLU B 205 -41.28 13.64 15.78
CA GLU B 205 -42.54 14.38 15.81
C GLU B 205 -43.34 13.89 17.02
N GLY B 206 -44.09 14.79 17.64
CA GLY B 206 -44.88 14.39 18.80
C GLY B 206 -44.07 14.22 20.07
N ASN B 207 -42.84 14.69 20.07
CA ASN B 207 -41.97 14.61 21.24
C ASN B 207 -41.46 16.00 21.52
N ALA B 208 -41.52 16.39 22.80
CA ALA B 208 -41.07 17.72 23.21
C ALA B 208 -39.56 17.77 23.38
N GLU B 209 -38.96 16.65 23.75
CA GLU B 209 -37.53 16.62 23.95
C GLU B 209 -36.80 15.81 22.89
N GLU B 210 -35.66 16.31 22.46
CA GLU B 210 -34.89 15.61 21.46
C GLU B 210 -34.61 14.20 21.97
N SER B 211 -34.13 13.36 21.07
CA SER B 211 -33.80 12.00 21.39
C SER B 211 -32.32 11.84 21.05
N THR B 212 -31.61 11.02 21.81
CA THR B 212 -30.19 10.81 21.56
C THR B 212 -29.96 9.51 20.78
N LEU B 213 -29.70 9.68 19.49
CA LEU B 213 -29.49 8.54 18.62
C LEU B 213 -28.04 8.13 18.53
N PHE B 214 -27.86 6.84 18.27
CA PHE B 214 -26.55 6.24 18.12
C PHE B 214 -26.63 5.43 16.84
N CYS B 215 -25.87 5.86 15.84
CA CYS B 215 -25.87 5.19 14.55
C CYS B 215 -24.50 4.57 14.31
N PHE B 216 -24.49 3.32 13.87
CA PHE B 216 -23.23 2.66 13.56
C PHE B 216 -23.40 1.71 12.38
N ALA B 217 -22.32 1.58 11.62
CA ALA B 217 -22.30 0.74 10.43
C ALA B 217 -21.26 -0.34 10.68
N VAL B 218 -21.51 -1.51 10.12
CA VAL B 218 -20.59 -2.63 10.31
C VAL B 218 -20.66 -3.62 9.16
N ARG B 219 -19.53 -4.23 8.85
CA ARG B 219 -19.50 -5.25 7.82
C ARG B 219 -19.16 -6.49 8.63
N GLY B 220 -20.19 -7.12 9.16
CA GLY B 220 -20.00 -8.32 9.97
C GLY B 220 -20.07 -9.52 9.06
N GLN B 221 -20.01 -10.71 9.63
CA GLN B 221 -20.06 -11.93 8.83
C GLN B 221 -21.37 -12.01 8.06
N ALA B 222 -22.38 -11.28 8.52
CA ALA B 222 -23.68 -11.27 7.85
C ALA B 222 -23.68 -10.11 6.84
N GLY B 223 -22.49 -9.71 6.41
CA GLY B 223 -22.39 -8.61 5.48
C GLY B 223 -22.55 -7.27 6.18
N GLY B 224 -22.67 -6.20 5.40
CA GLY B 224 -22.79 -4.88 5.96
C GLY B 224 -24.18 -4.40 6.37
N LYS B 225 -24.26 -3.83 7.57
CA LYS B 225 -25.52 -3.32 8.07
C LYS B 225 -25.29 -1.99 8.76
N LEU B 226 -26.35 -1.20 8.82
CA LEU B 226 -26.33 0.11 9.46
C LEU B 226 -27.49 0.13 10.44
N HIS B 227 -27.21 0.50 11.68
CA HIS B 227 -28.24 0.56 12.71
C HIS B 227 -28.41 1.98 13.24
N ILE B 228 -29.64 2.31 13.61
CA ILE B 228 -29.93 3.62 14.17
C ILE B 228 -30.84 3.37 15.35
N ILE B 229 -30.30 3.53 16.56
CA ILE B 229 -31.09 3.31 17.77
C ILE B 229 -31.03 4.47 18.74
N GLU B 230 -32.05 4.55 19.59
CA GLU B 230 -32.10 5.60 20.61
C GLU B 230 -31.29 4.99 21.74
N VAL B 231 -30.45 5.79 22.35
CA VAL B 231 -29.63 5.30 23.42
C VAL B 231 -30.06 5.93 24.73
N GLY B 232 -30.22 5.08 25.75
CA GLY B 232 -30.65 5.57 27.05
C GLY B 232 -32.16 5.58 27.17
N THR B 233 -32.64 6.17 28.26
CA THR B 233 -34.06 6.24 28.51
C THR B 233 -34.70 7.46 27.89
N PRO B 234 -35.76 7.25 27.10
CA PRO B 234 -36.42 8.40 26.47
C PRO B 234 -36.72 9.47 27.50
N PRO B 235 -36.58 10.75 27.14
CA PRO B 235 -36.88 11.79 28.13
C PRO B 235 -38.32 11.57 28.60
N THR B 236 -38.59 11.80 29.87
CA THR B 236 -39.95 11.59 30.38
C THR B 236 -40.95 12.32 29.51
N GLY B 237 -41.89 11.56 28.94
CA GLY B 237 -42.91 12.15 28.09
C GLY B 237 -42.65 11.98 26.61
N ASN B 238 -41.48 11.47 26.26
CA ASN B 238 -41.15 11.25 24.85
C ASN B 238 -41.51 9.83 24.47
N GLN B 239 -41.76 9.62 23.18
CA GLN B 239 -42.04 8.27 22.69
C GLN B 239 -40.64 7.72 22.43
N PRO B 240 -40.50 6.39 22.44
CA PRO B 240 -39.16 5.87 22.17
C PRO B 240 -38.92 5.80 20.64
N PHE B 241 -37.69 6.07 20.21
CA PHE B 241 -37.38 6.03 18.77
C PHE B 241 -37.22 4.58 18.34
N PRO B 242 -38.07 4.10 17.41
CA PRO B 242 -38.01 2.72 16.91
C PRO B 242 -36.72 2.42 16.18
N LYS B 243 -35.97 1.43 16.68
CA LYS B 243 -34.69 1.10 16.08
C LYS B 243 -34.77 0.69 14.63
N LYS B 244 -33.86 1.26 13.83
CA LYS B 244 -33.80 0.97 12.42
C LYS B 244 -32.58 0.14 12.06
N ALA B 245 -32.70 -0.64 11.00
CA ALA B 245 -31.57 -1.45 10.54
C ALA B 245 -31.69 -1.66 9.04
N VAL B 246 -30.61 -1.41 8.33
CA VAL B 246 -30.61 -1.57 6.88
C VAL B 246 -29.27 -2.19 6.48
N ASP B 247 -29.24 -2.65 5.24
CA ASP B 247 -28.05 -3.27 4.63
C ASP B 247 -27.19 -2.17 4.01
N VAL B 248 -25.89 -2.24 4.19
CA VAL B 248 -25.05 -1.26 3.51
C VAL B 248 -24.42 -2.10 2.41
N PHE B 249 -24.54 -1.64 1.17
CA PHE B 249 -24.00 -2.38 0.03
C PHE B 249 -22.51 -2.27 -0.23
N PHE B 250 -21.94 -3.40 -0.63
CA PHE B 250 -20.53 -3.49 -0.97
C PHE B 250 -20.45 -4.23 -2.32
N PRO B 251 -19.86 -3.59 -3.35
CA PRO B 251 -19.77 -4.30 -4.63
C PRO B 251 -18.76 -5.43 -4.54
N PRO B 252 -18.77 -6.35 -5.53
CA PRO B 252 -17.85 -7.50 -5.60
C PRO B 252 -16.39 -7.07 -5.65
N GLU B 253 -16.10 -5.96 -6.33
CA GLU B 253 -14.73 -5.45 -6.40
C GLU B 253 -14.27 -5.14 -4.99
N ALA B 254 -15.17 -4.51 -4.22
CA ALA B 254 -14.91 -4.17 -2.83
C ALA B 254 -15.01 -5.51 -2.12
N GLN B 255 -13.86 -6.10 -1.88
CA GLN B 255 -13.79 -7.39 -1.25
C GLN B 255 -13.54 -7.24 0.24
N ASN B 256 -12.53 -6.46 0.61
CA ASN B 256 -12.22 -6.26 2.02
C ASN B 256 -12.48 -4.86 2.50
N ASP B 257 -13.30 -4.13 1.75
CA ASP B 257 -13.65 -2.74 2.04
C ASP B 257 -14.66 -2.71 3.19
N PHE B 258 -14.51 -1.75 4.09
CA PHE B 258 -15.41 -1.63 5.24
C PHE B 258 -15.71 -0.17 5.58
N PRO B 259 -16.66 0.07 6.52
CA PRO B 259 -16.99 1.45 6.91
C PRO B 259 -15.79 2.04 7.65
N VAL B 260 -15.47 3.30 7.36
CA VAL B 260 -14.32 3.92 8.01
C VAL B 260 -14.65 5.26 8.67
N ALA B 261 -15.76 5.88 8.28
CA ALA B 261 -16.14 7.15 8.86
C ALA B 261 -17.61 7.43 8.70
N MET B 262 -18.13 8.26 9.61
CA MET B 262 -19.54 8.62 9.60
C MET B 262 -19.71 10.00 10.22
N GLN B 263 -20.50 10.82 9.57
CA GLN B 263 -20.79 12.15 10.06
C GLN B 263 -22.28 12.29 9.84
N ILE B 264 -22.96 12.97 10.75
CA ILE B 264 -24.39 13.14 10.60
C ILE B 264 -24.72 14.62 10.57
N SER B 265 -25.51 15.01 9.58
CA SER B 265 -25.92 16.39 9.45
C SER B 265 -27.27 16.60 10.14
N GLU B 266 -27.26 17.31 11.26
CA GLU B 266 -28.49 17.58 11.97
C GLU B 266 -29.32 18.53 11.09
N LYS B 267 -28.63 19.20 10.17
CA LYS B 267 -29.23 20.16 9.26
C LYS B 267 -30.19 19.53 8.24
N HIS B 268 -29.84 18.34 7.76
CA HIS B 268 -30.68 17.63 6.80
C HIS B 268 -31.12 16.27 7.33
N ASP B 269 -30.63 15.93 8.52
CA ASP B 269 -30.94 14.64 9.14
C ASP B 269 -30.57 13.55 8.15
N VAL B 270 -29.29 13.56 7.80
CA VAL B 270 -28.72 12.61 6.86
C VAL B 270 -27.42 12.04 7.42
N VAL B 271 -27.16 10.78 7.09
CA VAL B 271 -25.94 10.14 7.55
C VAL B 271 -24.97 9.96 6.40
N PHE B 272 -23.73 10.42 6.58
CA PHE B 272 -22.70 10.27 5.56
C PHE B 272 -21.78 9.15 6.03
N LEU B 273 -21.76 8.07 5.26
CA LEU B 273 -20.92 6.92 5.58
C LEU B 273 -19.90 6.69 4.46
N ILE B 274 -18.62 6.79 4.80
CA ILE B 274 -17.55 6.60 3.83
C ILE B 274 -16.80 5.32 4.17
N THR B 275 -16.55 4.51 3.14
CA THR B 275 -15.84 3.25 3.32
C THR B 275 -14.34 3.47 3.25
N LYS B 276 -13.58 2.48 3.69
CA LYS B 276 -12.12 2.57 3.69
C LYS B 276 -11.55 2.86 2.32
N TYR B 277 -12.24 2.43 1.26
CA TYR B 277 -11.71 2.67 -0.08
C TYR B 277 -12.50 3.65 -0.93
N GLY B 278 -12.95 4.73 -0.32
CA GLY B 278 -13.63 5.76 -1.08
C GLY B 278 -15.07 5.70 -1.53
N TYR B 279 -15.89 4.88 -0.89
CA TYR B 279 -17.30 4.85 -1.28
C TYR B 279 -18.06 5.74 -0.30
N ILE B 280 -19.08 6.42 -0.79
CA ILE B 280 -19.87 7.31 0.03
C ILE B 280 -21.33 6.86 -0.05
N HIS B 281 -22.00 6.80 1.10
CA HIS B 281 -23.40 6.39 1.13
C HIS B 281 -24.18 7.46 1.86
N LEU B 282 -25.41 7.70 1.43
CA LEU B 282 -26.28 8.67 2.08
C LEU B 282 -27.55 7.98 2.56
N TYR B 283 -27.78 8.05 3.88
CA TYR B 283 -28.97 7.45 4.47
C TYR B 283 -29.79 8.51 5.19
N ASP B 284 -31.08 8.24 5.31
CA ASP B 284 -31.99 9.13 6.02
C ASP B 284 -31.78 8.77 7.48
N LEU B 285 -31.55 9.76 8.33
CA LEU B 285 -31.34 9.47 9.75
C LEU B 285 -32.57 8.83 10.35
N GLU B 286 -33.72 9.41 10.04
CA GLU B 286 -35.00 8.97 10.55
C GLU B 286 -35.36 7.55 10.16
N THR B 287 -35.45 7.31 8.86
CA THR B 287 -35.84 6.00 8.36
C THR B 287 -34.70 5.04 8.12
N GLY B 288 -33.53 5.57 7.77
CA GLY B 288 -32.40 4.70 7.51
C GLY B 288 -32.42 4.28 6.05
N THR B 289 -33.26 4.97 5.29
CA THR B 289 -33.39 4.75 3.86
C THR B 289 -32.08 5.17 3.20
N CYS B 290 -31.61 4.39 2.24
CA CYS B 290 -30.40 4.73 1.52
C CYS B 290 -30.86 5.67 0.39
N ILE B 291 -30.36 6.91 0.36
CA ILE B 291 -30.79 7.83 -0.68
C ILE B 291 -29.85 7.89 -1.89
N TYR B 292 -28.57 7.64 -1.66
CA TYR B 292 -27.59 7.70 -2.74
C TYR B 292 -26.31 6.97 -2.38
N MET B 293 -25.64 6.44 -3.43
CA MET B 293 -24.35 5.66 -3.20
C MET B 293 -23.42 5.49 -4.42
N ASN B 294 -22.21 5.90 -4.32
CA ASN B 294 -21.42 5.85 -5.51
C ASN B 294 -19.99 6.23 -5.10
N ARG B 295 -18.97 6.04 -5.91
CA ARG B 295 -17.57 6.32 -5.45
C ARG B 295 -17.09 7.79 -5.48
N ILE B 296 -16.40 8.33 -4.45
CA ILE B 296 -15.93 9.72 -4.50
C ILE B 296 -14.42 9.85 -4.33
N SER B 297 -13.75 8.73 -4.12
CA SER B 297 -12.31 8.75 -3.96
C SER B 297 -11.75 7.40 -4.38
N GLY B 298 -10.66 7.43 -5.14
CA GLY B 298 -10.07 6.18 -5.58
C GLY B 298 -9.00 5.77 -4.59
N GLU B 299 -8.50 6.76 -3.85
CA GLU B 299 -7.48 6.52 -2.84
C GLU B 299 -8.22 6.42 -1.52
N THR B 300 -7.79 5.50 -0.65
CA THR B 300 -8.43 5.30 0.64
C THR B 300 -8.50 6.55 1.50
N ILE B 301 -9.55 6.63 2.31
CA ILE B 301 -9.73 7.76 3.21
C ILE B 301 -9.43 7.29 4.64
N PHE B 302 -8.79 8.14 5.43
CA PHE B 302 -8.40 7.78 6.79
C PHE B 302 -8.74 8.82 7.85
N VAL B 303 -9.46 9.85 7.47
CA VAL B 303 -9.84 10.87 8.43
C VAL B 303 -10.88 11.83 7.87
N THR B 304 -11.88 12.13 8.69
CA THR B 304 -12.90 13.06 8.28
C THR B 304 -13.34 13.91 9.48
N ALA B 305 -14.24 14.83 9.22
CA ALA B 305 -14.73 15.69 10.26
C ALA B 305 -15.94 16.38 9.71
N PRO B 306 -16.78 16.91 10.59
CA PRO B 306 -17.93 17.57 9.98
C PRO B 306 -17.47 18.81 9.22
N HIS B 307 -18.06 19.00 8.05
CA HIS B 307 -17.79 20.15 7.22
C HIS B 307 -18.91 21.12 7.60
N GLU B 308 -18.62 21.96 8.59
CA GLU B 308 -19.56 22.93 9.13
C GLU B 308 -20.30 23.82 8.13
N ALA B 309 -19.53 24.48 7.27
CA ALA B 309 -20.10 25.40 6.28
C ALA B 309 -21.27 24.84 5.50
N THR B 310 -21.09 23.67 4.90
CA THR B 310 -22.14 23.04 4.10
C THR B 310 -22.93 22.00 4.88
N ALA B 311 -22.55 21.77 6.13
CA ALA B 311 -23.23 20.79 6.96
C ALA B 311 -22.95 19.37 6.48
N GLY B 312 -21.88 19.20 5.70
CA GLY B 312 -21.56 17.88 5.20
C GLY B 312 -20.37 17.28 5.91
N ILE B 313 -19.61 16.43 5.20
CA ILE B 313 -18.44 15.80 5.77
C ILE B 313 -17.23 16.15 4.90
N ILE B 314 -16.06 16.29 5.52
CA ILE B 314 -14.84 16.65 4.81
C ILE B 314 -13.61 15.85 5.27
N GLY B 315 -13.11 14.99 4.40
CA GLY B 315 -11.95 14.19 4.75
C GLY B 315 -10.78 14.28 3.80
N VAL B 316 -9.71 13.57 4.15
CA VAL B 316 -8.47 13.55 3.39
C VAL B 316 -8.15 12.10 2.99
N ASN B 317 -7.59 11.90 1.81
CA ASN B 317 -7.22 10.54 1.40
C ASN B 317 -5.72 10.43 1.27
N ARG B 318 -5.22 9.22 1.02
CA ARG B 318 -3.79 8.97 0.89
C ARG B 318 -3.07 9.84 -0.15
N LYS B 319 -3.79 10.33 -1.15
CA LYS B 319 -3.15 11.18 -2.16
C LYS B 319 -2.90 12.57 -1.63
N GLY B 320 -3.63 12.96 -0.59
CA GLY B 320 -3.42 14.30 -0.06
C GLY B 320 -4.51 15.22 -0.58
N GLN B 321 -5.54 14.65 -1.19
CA GLN B 321 -6.63 15.49 -1.65
C GLN B 321 -7.63 15.71 -0.54
N VAL B 322 -8.07 16.95 -0.38
CA VAL B 322 -9.03 17.23 0.65
C VAL B 322 -10.41 17.28 0.02
N LEU B 323 -11.18 16.25 0.33
CA LEU B 323 -12.52 16.08 -0.21
C LEU B 323 -13.65 16.51 0.74
N SER B 324 -14.82 16.75 0.17
CA SER B 324 -15.98 17.18 0.94
C SER B 324 -17.21 16.90 0.13
N VAL B 325 -18.19 16.26 0.78
CA VAL B 325 -19.45 15.94 0.16
C VAL B 325 -20.52 16.43 1.10
N CYS B 326 -21.58 16.98 0.52
CA CYS B 326 -22.69 17.49 1.30
C CYS B 326 -23.96 17.34 0.48
N VAL B 327 -25.09 17.66 1.09
CA VAL B 327 -26.35 17.56 0.38
C VAL B 327 -26.43 18.69 -0.63
N GLU B 328 -26.86 18.36 -1.84
CA GLU B 328 -27.07 19.33 -2.87
C GLU B 328 -28.48 19.84 -2.67
N GLU B 329 -28.63 20.76 -1.72
CA GLU B 329 -29.93 21.29 -1.32
C GLU B 329 -30.90 21.67 -2.46
N GLU B 330 -30.39 22.17 -3.56
CA GLU B 330 -31.31 22.62 -4.56
C GLU B 330 -31.95 21.43 -5.26
N ASN B 331 -31.23 20.35 -5.24
CA ASN B 331 -31.75 19.21 -6.00
C ASN B 331 -31.68 17.85 -5.27
N ILE B 332 -31.93 17.75 -3.94
CA ILE B 332 -31.95 16.46 -3.22
C ILE B 332 -33.36 15.83 -3.20
N ILE B 333 -34.35 16.72 -3.24
CA ILE B 333 -35.77 16.29 -3.26
C ILE B 333 -36.14 15.66 -4.63
N PRO B 334 -35.90 16.41 -5.74
CA PRO B 334 -36.21 15.85 -7.13
C PRO B 334 -35.57 14.49 -7.44
N TYR B 335 -34.30 14.41 -6.99
CA TYR B 335 -33.51 13.22 -7.09
C TYR B 335 -34.29 12.11 -6.44
N ILE B 336 -34.56 12.27 -5.14
CA ILE B 336 -35.30 11.25 -4.41
C ILE B 336 -36.63 10.94 -5.10
N THR B 337 -37.36 11.99 -5.44
CA THR B 337 -38.67 11.84 -6.09
C THR B 337 -38.62 11.15 -7.44
N ASN B 338 -37.84 11.69 -8.36
CA ASN B 338 -37.75 11.16 -9.71
C ASN B 338 -36.77 10.00 -9.93
N VAL B 339 -35.54 10.12 -9.44
CA VAL B 339 -34.56 9.06 -9.63
C VAL B 339 -34.76 7.86 -8.70
N LEU B 340 -35.11 8.12 -7.44
CA LEU B 340 -35.34 7.04 -6.48
C LEU B 340 -36.79 6.58 -6.46
N GLN B 341 -37.64 7.36 -7.12
CA GLN B 341 -39.07 7.08 -7.16
C GLN B 341 -39.60 6.77 -5.76
N ASN B 342 -39.25 7.65 -4.83
CA ASN B 342 -39.66 7.53 -3.43
C ASN B 342 -40.31 8.85 -3.03
N PRO B 343 -41.54 9.08 -3.48
CA PRO B 343 -42.27 10.30 -3.15
C PRO B 343 -42.31 10.57 -1.66
N ASP B 344 -42.74 9.58 -0.89
CA ASP B 344 -42.86 9.71 0.56
C ASP B 344 -41.60 10.27 1.20
N LEU B 345 -40.47 9.57 1.06
CA LEU B 345 -39.23 10.08 1.65
C LEU B 345 -38.91 11.49 1.14
N ALA B 346 -39.22 11.75 -0.12
CA ALA B 346 -38.95 13.05 -0.71
C ALA B 346 -39.83 14.11 -0.04
N LEU B 347 -41.12 13.83 0.06
CA LEU B 347 -42.09 14.73 0.67
C LEU B 347 -41.73 15.00 2.14
N ARG B 348 -41.27 13.96 2.82
CA ARG B 348 -40.87 14.03 4.22
C ARG B 348 -39.66 14.93 4.45
N MET B 349 -38.61 14.73 3.65
CA MET B 349 -37.41 15.54 3.80
C MET B 349 -37.65 17.01 3.43
N ALA B 350 -38.44 17.24 2.38
CA ALA B 350 -38.74 18.61 1.99
C ALA B 350 -39.26 19.35 3.22
N VAL B 351 -40.39 18.88 3.72
CA VAL B 351 -41.04 19.47 4.90
C VAL B 351 -40.17 19.44 6.15
N ARG B 352 -39.60 18.30 6.45
CA ARG B 352 -38.81 18.10 7.65
C ARG B 352 -37.58 18.99 7.87
N ASN B 353 -36.76 19.21 6.84
CA ASN B 353 -35.53 20.02 6.94
C ASN B 353 -35.70 21.32 6.27
N ASN B 354 -36.90 21.52 5.81
CA ASN B 354 -37.22 22.76 5.19
C ASN B 354 -36.47 22.99 3.89
N LEU B 355 -36.69 22.08 2.94
CA LEU B 355 -36.07 22.12 1.63
C LEU B 355 -37.05 22.29 0.54
N ALA B 356 -36.53 22.33 -0.67
CA ALA B 356 -37.42 22.56 -1.78
C ALA B 356 -37.16 21.71 -3.03
N GLY B 357 -38.12 20.82 -3.37
CA GLY B 357 -37.93 19.95 -4.52
C GLY B 357 -39.18 19.18 -4.88
N ASP C 1 24.09 -27.03 -39.54
CA ASP C 1 24.69 -28.27 -39.86
C ASP C 1 25.29 -28.90 -38.61
N THR C 2 26.41 -28.44 -38.01
CA THR C 2 26.88 -29.14 -36.76
C THR C 2 26.35 -28.43 -35.48
N ASN C 3 25.90 -29.35 -34.57
CA ASN C 3 25.30 -29.21 -33.22
C ASN C 3 26.24 -28.62 -32.18
N LEU C 4 25.68 -27.72 -31.41
CA LEU C 4 26.46 -27.00 -30.41
C LEU C 4 26.65 -27.82 -29.14
N ILE C 5 26.00 -28.99 -29.08
CA ILE C 5 26.09 -29.87 -27.92
C ILE C 5 26.14 -31.33 -28.36
N GLU C 6 26.90 -32.15 -27.64
CA GLU C 6 27.06 -33.55 -27.93
C GLU C 6 26.43 -34.40 -26.85
N PHE C 7 25.44 -35.17 -27.34
CA PHE C 7 24.78 -36.12 -26.52
C PHE C 7 25.19 -37.44 -26.84
N GLU C 8 25.07 -38.12 -25.88
CA GLU C 8 25.48 -39.38 -25.78
C GLU C 8 24.81 -40.59 -26.24
N ASP D 1 8.76 18.73 31.96
CA ASP D 1 9.17 20.04 32.46
C ASP D 1 9.11 21.07 31.32
N THR D 2 9.78 20.55 30.35
CA THR D 2 10.13 21.13 29.16
C THR D 2 9.17 21.09 28.02
N ASN D 3 9.55 21.93 27.05
CA ASN D 3 8.75 22.20 25.85
C ASN D 3 9.01 21.28 24.67
N LEU D 4 7.86 20.89 24.11
CA LEU D 4 7.72 19.92 23.05
C LEU D 4 7.49 20.55 21.67
N ILE D 5 7.45 21.85 21.62
CA ILE D 5 7.29 22.57 20.38
C ILE D 5 7.99 23.90 20.53
N GLU D 6 9.02 24.18 19.75
CA GLU D 6 9.73 25.47 19.89
C GLU D 6 8.92 26.56 19.17
N PHE D 7 8.57 27.60 19.88
CA PHE D 7 7.81 28.67 19.21
C PHE D 7 8.73 29.74 18.77
N GLU D 8 8.30 30.36 17.72
CA GLU D 8 9.00 31.43 17.06
C GLU D 8 9.48 32.50 18.03
#